data_1HCC
# 
_entry.id   1HCC 
# 
_audit_conform.dict_name       mmcif_pdbx.dic 
_audit_conform.dict_version    5.397 
_audit_conform.dict_location   http://mmcif.pdb.org/dictionaries/ascii/mmcif_pdbx.dic 
# 
loop_
_database_2.database_id 
_database_2.database_code 
_database_2.pdbx_database_accession 
_database_2.pdbx_DOI 
PDB   1HCC         pdb_00001hcc 10.2210/pdb1hcc/pdb 
WWPDB D_1000173773 ?            ?                   
# 
loop_
_pdbx_audit_revision_history.ordinal 
_pdbx_audit_revision_history.data_content_type 
_pdbx_audit_revision_history.major_revision 
_pdbx_audit_revision_history.minor_revision 
_pdbx_audit_revision_history.revision_date 
1 'Structure model' 1 0 1992-04-15 
2 'Structure model' 1 1 2008-03-24 
3 'Structure model' 1 2 2011-07-13 
4 'Structure model' 1 3 2017-11-29 
5 'Structure model' 1 4 2024-10-23 
# 
_pdbx_audit_revision_details.ordinal             1 
_pdbx_audit_revision_details.revision_ordinal    1 
_pdbx_audit_revision_details.data_content_type   'Structure model' 
_pdbx_audit_revision_details.provider            repository 
_pdbx_audit_revision_details.type                'Initial release' 
_pdbx_audit_revision_details.description         ? 
_pdbx_audit_revision_details.details             ? 
# 
loop_
_pdbx_audit_revision_group.ordinal 
_pdbx_audit_revision_group.revision_ordinal 
_pdbx_audit_revision_group.data_content_type 
_pdbx_audit_revision_group.group 
1 2 'Structure model' 'Version format compliance' 
2 3 'Structure model' 'Version format compliance' 
3 4 'Structure model' 'Derived calculations'      
4 4 'Structure model' Other                       
5 5 'Structure model' 'Data collection'           
6 5 'Structure model' 'Database references'       
7 5 'Structure model' 'Structure summary'         
# 
loop_
_pdbx_audit_revision_category.ordinal 
_pdbx_audit_revision_category.revision_ordinal 
_pdbx_audit_revision_category.data_content_type 
_pdbx_audit_revision_category.category 
1 4 'Structure model' pdbx_database_status      
2 4 'Structure model' pdbx_struct_assembly      
3 4 'Structure model' pdbx_struct_oper_list     
4 4 'Structure model' struct_conf               
5 5 'Structure model' chem_comp_atom            
6 5 'Structure model' chem_comp_bond            
7 5 'Structure model' database_2                
8 5 'Structure model' pdbx_entry_details        
9 5 'Structure model' pdbx_modification_feature 
# 
loop_
_pdbx_audit_revision_item.ordinal 
_pdbx_audit_revision_item.revision_ordinal 
_pdbx_audit_revision_item.data_content_type 
_pdbx_audit_revision_item.item 
1 4 'Structure model' '_pdbx_database_status.process_site'  
2 5 'Structure model' '_database_2.pdbx_DOI'                
3 5 'Structure model' '_database_2.pdbx_database_accession' 
# 
_pdbx_database_status.status_code                     REL 
_pdbx_database_status.entry_id                        1HCC 
_pdbx_database_status.recvd_initial_deposition_date   1990-11-28 
_pdbx_database_status.deposit_site                    ? 
_pdbx_database_status.process_site                    BNL 
_pdbx_database_status.SG_entry                        . 
_pdbx_database_status.pdb_format_compatible           Y 
_pdbx_database_status.status_code_mr                  ? 
_pdbx_database_status.status_code_sf                  ? 
_pdbx_database_status.status_code_cs                  ? 
_pdbx_database_status.methods_development_category    ? 
_pdbx_database_status.status_code_nmr_data            ? 
# 
loop_
_audit_author.name 
_audit_author.pdbx_ordinal 
'Norman, D.G.'     1 
'Barlow, P.B.'     2 
'Campbell, I.D.C.' 3 
# 
loop_
_citation.id 
_citation.title 
_citation.journal_abbrev 
_citation.journal_volume 
_citation.page_first 
_citation.page_last 
_citation.year 
_citation.journal_id_ASTM 
_citation.country 
_citation.journal_id_ISSN 
_citation.journal_id_CSD 
_citation.book_publisher 
_citation.pdbx_database_id_PubMed 
_citation.pdbx_database_id_DOI 
primary 'Three-dimensional structure of a complement control protein module in solution.'      J.Mol.Biol.  219 717 725 1991 
JMOBAK UK 0022-2836 0070 ? 1829116 '10.1016/0022-2836(91)90666-T' 
1       'Secondary Structure of a Complement Control Protein Module by Two-Dimensional 1H NMR' Biochemistry 30  997 ?   1991 
BICHAW US 0006-2960 0033 ? ?       ?                              
# 
loop_
_citation_author.citation_id 
_citation_author.name 
_citation_author.ordinal 
_citation_author.identifier_ORCID 
primary 'Norman, D.G.'   1  ? 
primary 'Barlow, P.N.'   2  ? 
primary 'Baron, M.'      3  ? 
primary 'Day, A.J.'      4  ? 
primary 'Sim, R.B.'      5  ? 
primary 'Campbell, I.D.' 6  ? 
1       'Barlow, P.N.'   7  ? 
1       'Baron, M.'      8  ? 
1       'Norman, D.G.'   9  ? 
1       'Day, A.J.'      10 ? 
1       'Sim, R.B.'      11 ? 
1       'Campbell, I.D.' 12 ? 
# 
_entity.id                         1 
_entity.type                       polymer 
_entity.src_method                 man 
_entity.pdbx_description           '16TH COMPLEMENT CONTROL PROTEIN' 
_entity.formula_weight             6391.200 
_entity.pdbx_number_of_molecules   1 
_entity.pdbx_ec                    ? 
_entity.pdbx_mutation              ? 
_entity.pdbx_fragment              ? 
_entity.details                    ? 
# 
_entity_poly.entity_id                      1 
_entity_poly.type                           'polypeptide(L)' 
_entity_poly.nstd_linkage                   no 
_entity_poly.nstd_monomer                   no 
_entity_poly.pdbx_seq_one_letter_code       EGLPCKSPPEISHGVVAHMSDSYQYGEEVTYKCFEGFGIDGPAIAKCLGEKWSHPPSCI 
_entity_poly.pdbx_seq_one_letter_code_can   EGLPCKSPPEISHGVVAHMSDSYQYGEEVTYKCFEGFGIDGPAIAKCLGEKWSHPPSCI 
_entity_poly.pdbx_strand_id                 A 
_entity_poly.pdbx_target_identifier         ? 
# 
loop_
_entity_poly_seq.entity_id 
_entity_poly_seq.num 
_entity_poly_seq.mon_id 
_entity_poly_seq.hetero 
1 1  GLU n 
1 2  GLY n 
1 3  LEU n 
1 4  PRO n 
1 5  CYS n 
1 6  LYS n 
1 7  SER n 
1 8  PRO n 
1 9  PRO n 
1 10 GLU n 
1 11 ILE n 
1 12 SER n 
1 13 HIS n 
1 14 GLY n 
1 15 VAL n 
1 16 VAL n 
1 17 ALA n 
1 18 HIS n 
1 19 MET n 
1 20 SER n 
1 21 ASP n 
1 22 SER n 
1 23 TYR n 
1 24 GLN n 
1 25 TYR n 
1 26 GLY n 
1 27 GLU n 
1 28 GLU n 
1 29 VAL n 
1 30 THR n 
1 31 TYR n 
1 32 LYS n 
1 33 CYS n 
1 34 PHE n 
1 35 GLU n 
1 36 GLY n 
1 37 PHE n 
1 38 GLY n 
1 39 ILE n 
1 40 ASP n 
1 41 GLY n 
1 42 PRO n 
1 43 ALA n 
1 44 ILE n 
1 45 ALA n 
1 46 LYS n 
1 47 CYS n 
1 48 LEU n 
1 49 GLY n 
1 50 GLU n 
1 51 LYS n 
1 52 TRP n 
1 53 SER n 
1 54 HIS n 
1 55 PRO n 
1 56 PRO n 
1 57 SER n 
1 58 CYS n 
1 59 ILE n 
# 
_entity_src_gen.entity_id                          1 
_entity_src_gen.pdbx_src_id                        1 
_entity_src_gen.pdbx_alt_source_flag               sample 
_entity_src_gen.pdbx_seq_type                      ? 
_entity_src_gen.pdbx_beg_seq_num                   ? 
_entity_src_gen.pdbx_end_seq_num                   ? 
_entity_src_gen.gene_src_common_name               human 
_entity_src_gen.gene_src_genus                     Homo 
_entity_src_gen.pdbx_gene_src_gene                 ? 
_entity_src_gen.gene_src_species                   ? 
_entity_src_gen.gene_src_strain                    ? 
_entity_src_gen.gene_src_tissue                    ? 
_entity_src_gen.gene_src_tissue_fraction           ? 
_entity_src_gen.gene_src_details                   ? 
_entity_src_gen.pdbx_gene_src_fragment             ? 
_entity_src_gen.pdbx_gene_src_scientific_name      'Homo sapiens' 
_entity_src_gen.pdbx_gene_src_ncbi_taxonomy_id     9606 
_entity_src_gen.pdbx_gene_src_variant              ? 
_entity_src_gen.pdbx_gene_src_cell_line            ? 
_entity_src_gen.pdbx_gene_src_atcc                 ? 
_entity_src_gen.pdbx_gene_src_organ                ? 
_entity_src_gen.pdbx_gene_src_organelle            ? 
_entity_src_gen.pdbx_gene_src_cell                 ? 
_entity_src_gen.pdbx_gene_src_cellular_location    ? 
_entity_src_gen.host_org_common_name               ? 
_entity_src_gen.pdbx_host_org_scientific_name      ? 
_entity_src_gen.pdbx_host_org_ncbi_taxonomy_id     ? 
_entity_src_gen.host_org_genus                     ? 
_entity_src_gen.pdbx_host_org_gene                 ? 
_entity_src_gen.pdbx_host_org_organ                ? 
_entity_src_gen.host_org_species                   ? 
_entity_src_gen.pdbx_host_org_tissue               ? 
_entity_src_gen.pdbx_host_org_tissue_fraction      ? 
_entity_src_gen.pdbx_host_org_strain               ? 
_entity_src_gen.pdbx_host_org_variant              ? 
_entity_src_gen.pdbx_host_org_cell_line            ? 
_entity_src_gen.pdbx_host_org_atcc                 ? 
_entity_src_gen.pdbx_host_org_culture_collection   ? 
_entity_src_gen.pdbx_host_org_cell                 ? 
_entity_src_gen.pdbx_host_org_organelle            ? 
_entity_src_gen.pdbx_host_org_cellular_location    ? 
_entity_src_gen.pdbx_host_org_vector_type          ? 
_entity_src_gen.pdbx_host_org_vector               ? 
_entity_src_gen.host_org_details                   ? 
_entity_src_gen.expression_system_id               ? 
_entity_src_gen.plasmid_name                       ? 
_entity_src_gen.plasmid_details                    ? 
_entity_src_gen.pdbx_description                   ? 
# 
loop_
_chem_comp.id 
_chem_comp.type 
_chem_comp.mon_nstd_flag 
_chem_comp.name 
_chem_comp.pdbx_synonyms 
_chem_comp.formula 
_chem_comp.formula_weight 
ALA 'L-peptide linking' y ALANINE         ? 'C3 H7 N O2'     89.093  
ASP 'L-peptide linking' y 'ASPARTIC ACID' ? 'C4 H7 N O4'     133.103 
CYS 'L-peptide linking' y CYSTEINE        ? 'C3 H7 N O2 S'   121.158 
GLN 'L-peptide linking' y GLUTAMINE       ? 'C5 H10 N2 O3'   146.144 
GLU 'L-peptide linking' y 'GLUTAMIC ACID' ? 'C5 H9 N O4'     147.129 
GLY 'peptide linking'   y GLYCINE         ? 'C2 H5 N O2'     75.067  
HIS 'L-peptide linking' y HISTIDINE       ? 'C6 H10 N3 O2 1' 156.162 
ILE 'L-peptide linking' y ISOLEUCINE      ? 'C6 H13 N O2'    131.173 
LEU 'L-peptide linking' y LEUCINE         ? 'C6 H13 N O2'    131.173 
LYS 'L-peptide linking' y LYSINE          ? 'C6 H15 N2 O2 1' 147.195 
MET 'L-peptide linking' y METHIONINE      ? 'C5 H11 N O2 S'  149.211 
PHE 'L-peptide linking' y PHENYLALANINE   ? 'C9 H11 N O2'    165.189 
PRO 'L-peptide linking' y PROLINE         ? 'C5 H9 N O2'     115.130 
SER 'L-peptide linking' y SERINE          ? 'C3 H7 N O3'     105.093 
THR 'L-peptide linking' y THREONINE       ? 'C4 H9 N O3'     119.119 
TRP 'L-peptide linking' y TRYPTOPHAN      ? 'C11 H12 N2 O2'  204.225 
TYR 'L-peptide linking' y TYROSINE        ? 'C9 H11 N O3'    181.189 
VAL 'L-peptide linking' y VALINE          ? 'C5 H11 N O2'    117.146 
# 
loop_
_pdbx_poly_seq_scheme.asym_id 
_pdbx_poly_seq_scheme.entity_id 
_pdbx_poly_seq_scheme.seq_id 
_pdbx_poly_seq_scheme.mon_id 
_pdbx_poly_seq_scheme.ndb_seq_num 
_pdbx_poly_seq_scheme.pdb_seq_num 
_pdbx_poly_seq_scheme.auth_seq_num 
_pdbx_poly_seq_scheme.pdb_mon_id 
_pdbx_poly_seq_scheme.auth_mon_id 
_pdbx_poly_seq_scheme.pdb_strand_id 
_pdbx_poly_seq_scheme.pdb_ins_code 
_pdbx_poly_seq_scheme.hetero 
A 1 1  GLU 1  1  1  GLU GLU A . n 
A 1 2  GLY 2  2  2  GLY GLY A . n 
A 1 3  LEU 3  3  3  LEU LEU A . n 
A 1 4  PRO 4  4  4  PRO PRO A . n 
A 1 5  CYS 5  5  5  CYS CYS A . n 
A 1 6  LYS 6  6  6  LYS LYS A . n 
A 1 7  SER 7  7  7  SER SER A . n 
A 1 8  PRO 8  8  8  PRO PRO A . n 
A 1 9  PRO 9  9  9  PRO PRO A . n 
A 1 10 GLU 10 10 10 GLU GLU A . n 
A 1 11 ILE 11 11 11 ILE ILE A . n 
A 1 12 SER 12 12 12 SER SER A . n 
A 1 13 HIS 13 13 13 HIS HIS A . n 
A 1 14 GLY 14 14 14 GLY GLY A . n 
A 1 15 VAL 15 15 15 VAL VAL A . n 
A 1 16 VAL 16 16 16 VAL VAL A . n 
A 1 17 ALA 17 17 17 ALA ALA A . n 
A 1 18 HIS 18 18 18 HIS HIS A . n 
A 1 19 MET 19 19 19 MET MET A . n 
A 1 20 SER 20 20 20 SER SER A . n 
A 1 21 ASP 21 21 21 ASP ASP A . n 
A 1 22 SER 22 22 22 SER SER A . n 
A 1 23 TYR 23 23 23 TYR TYR A . n 
A 1 24 GLN 24 24 24 GLN GLN A . n 
A 1 25 TYR 25 25 25 TYR TYR A . n 
A 1 26 GLY 26 26 26 GLY GLY A . n 
A 1 27 GLU 27 27 27 GLU GLU A . n 
A 1 28 GLU 28 28 28 GLU GLU A . n 
A 1 29 VAL 29 29 29 VAL VAL A . n 
A 1 30 THR 30 30 30 THR THR A . n 
A 1 31 TYR 31 31 31 TYR TYR A . n 
A 1 32 LYS 32 32 32 LYS LYS A . n 
A 1 33 CYS 33 33 33 CYS CYS A . n 
A 1 34 PHE 34 34 34 PHE PHE A . n 
A 1 35 GLU 35 35 35 GLU GLU A . n 
A 1 36 GLY 36 36 36 GLY GLY A . n 
A 1 37 PHE 37 37 37 PHE PHE A . n 
A 1 38 GLY 38 38 38 GLY GLY A . n 
A 1 39 ILE 39 39 39 ILE ILE A . n 
A 1 40 ASP 40 40 40 ASP ASP A . n 
A 1 41 GLY 41 41 41 GLY GLY A . n 
A 1 42 PRO 42 42 42 PRO PRO A . n 
A 1 43 ALA 43 43 43 ALA ALA A . n 
A 1 44 ILE 44 44 44 ILE ILE A . n 
A 1 45 ALA 45 45 45 ALA ALA A . n 
A 1 46 LYS 46 46 46 LYS LYS A . n 
A 1 47 CYS 47 47 47 CYS CYS A . n 
A 1 48 LEU 48 48 48 LEU LEU A . n 
A 1 49 GLY 49 49 49 GLY GLY A . n 
A 1 50 GLU 50 50 50 GLU GLU A . n 
A 1 51 LYS 51 51 51 LYS LYS A . n 
A 1 52 TRP 52 52 52 TRP TRP A . n 
A 1 53 SER 53 53 53 SER SER A . n 
A 1 54 HIS 54 54 54 HIS HIS A . n 
A 1 55 PRO 55 55 55 PRO PRO A . n 
A 1 56 PRO 56 56 56 PRO PRO A . n 
A 1 57 SER 57 57 57 SER SER A . n 
A 1 58 CYS 58 58 58 CYS CYS A . n 
A 1 59 ILE 59 59 59 ILE ILE A . n 
# 
_cell.entry_id           1HCC 
_cell.length_a           1.000 
_cell.length_b           1.000 
_cell.length_c           1.000 
_cell.angle_alpha        90.00 
_cell.angle_beta         90.00 
_cell.angle_gamma        90.00 
_cell.Z_PDB              1 
_cell.pdbx_unique_axis   ? 
# 
_symmetry.entry_id                         1HCC 
_symmetry.space_group_name_H-M             'P 1' 
_symmetry.pdbx_full_space_group_name_H-M   ? 
_symmetry.cell_setting                     ? 
_symmetry.Int_Tables_number                1 
# 
_exptl.entry_id          1HCC 
_exptl.method            'SOLUTION NMR' 
_exptl.crystals_number   ? 
# 
_struct.entry_id                  1HCC 
_struct.title                     'THREE-DIMENSIONAL STRUCTURE OF A COMPLEMENT CONTROL PROTEIN MODULE IN SOLUTION' 
_struct.pdbx_model_details        ? 
_struct.pdbx_CASP_flag            ? 
_struct.pdbx_model_type_details   ? 
# 
_struct_keywords.entry_id        1HCC 
_struct_keywords.pdbx_keywords   GLYCOPROTEIN 
_struct_keywords.text            GLYCOPROTEIN 
# 
_struct_asym.id                            A 
_struct_asym.pdbx_blank_PDB_chainid_flag   Y 
_struct_asym.pdbx_modified                 N 
_struct_asym.entity_id                     1 
_struct_asym.details                       ? 
# 
_struct_ref.id                         1 
_struct_ref.db_name                    UNP 
_struct_ref.db_code                    CFAH_HUMAN 
_struct_ref.entity_id                  1 
_struct_ref.pdbx_db_accession          P08603 
_struct_ref.pdbx_align_begin           1 
_struct_ref.pdbx_seq_one_letter_code   
;MRLLAKIICLMLWAICVAEDCNELPPRRNTEILTGSWSDQTYPEGTQAIYKCRPGYRSLGNVIMVCRKGEWVALNPLRKC
QKRPCGHPGDTPFGTFTLTGGNVFEYGVKAVYTCNEGYQLLGEINYRECDTDGWTNDIPICEVVKCLPVTAPENGKIVSS
AMEPDREYHFGQAVRFVCNSGYKIEGDEEMHCSDDGFWSKEKPKCVEISCKSPDVINGSPISQKIIYKENERFQYKCNMG
YEYSERGDAVCTESGWRPLPSCEEKSCDNPYIPNGDYSPLRIKHRTGDEITYQCRNGFYPATRGNTAKCTSTGWIPAPRC
TLKPCDYPDIKHGGLYHENMRRPYFPVAVGKYYSYYCDEHFETPSGSYWDHIHCTQDGWSPAVPCLRKCYFPYLENGYNQ
NHGRKFVQGKSIDVACHPGYALPKAQTTVTCMENGWSPTPRCIRVKTCSKSSIDIENGFISESQYTYALKEKAKYQCKLG
YVTADGETSGSIRCGKDGWSAQPTCIKSCDIPVFMNARTKNDFTWFKLNDTLDYECHDGYESNTGSTTGSIVCGYNGWSD
LPICYERECELPKIDVHLVPDRKKDQYKVGEVLKFSCKPGFTIVGPNSVQCYHFGLSPDLPICKEQVQSCGPPPELLNGN
VKEKTKEEYGHSEVVEYYCNPRFLMKGPNKIQCVDGEWTTLPVCIVEESTCGDIPELEHGWAQLSSPPYYYGDSVEFNCS
ESFTMIGHRSITCIHGVWTQLPQCVAIDKLKKCKSSNLIILEEHLKNKKEFDHNSNIRYRCRGKEGWIHTVCINGRWDPE
VNCSMAQIQLCPPPPQIPNSHNMTTTLNYRDGEKVSVLCQENYLIQEGEEITCKDGRWQSIPLCVEKIPCSQPPQIEHGT
INSSRSSQESYAHGTKLSYTCEGGFRISEENETTCYMGKWSSPPQCEGLPCKSPPEISHGVVAHMSDSYQYGEEVTYKCF
EGFGIDGPAIAKCLGEKWSHPPSCIKTDCLSLPSFENAIPMGEKKDVYKAGEQVTYTCATYYKMDGASNVTCINSRWTGR
PTCRDTSCVNPPTVQNAYIVSRQMSKYPSGERVRYQCRSPYEMFGDEEVMCLNGNWTEPPQCKDSTGKCGPPPPIDNGDI
TSFPLSVYAPASSVEYQCQNLYQLEGNKRITCRNGQWSEPPKCLHPCVISREIMENYNIALRWTAKQKLYSRTGESVEFV
CKRGYRLSSRSHTLRTTCWDGKLEYPTCAKR
;
_struct_ref.pdbx_db_isoform            ? 
# 
_struct_ref_seq.align_id                      1 
_struct_ref_seq.ref_id                        1 
_struct_ref_seq.pdbx_PDB_id_code              1HCC 
_struct_ref_seq.pdbx_strand_id                A 
_struct_ref_seq.seq_align_beg                 1 
_struct_ref_seq.pdbx_seq_align_beg_ins_code   ? 
_struct_ref_seq.seq_align_end                 59 
_struct_ref_seq.pdbx_seq_align_end_ins_code   ? 
_struct_ref_seq.pdbx_db_accession             P08603 
_struct_ref_seq.db_align_beg                  927 
_struct_ref_seq.pdbx_db_align_beg_ins_code    ? 
_struct_ref_seq.db_align_end                  985 
_struct_ref_seq.pdbx_db_align_end_ins_code    ? 
_struct_ref_seq.pdbx_auth_seq_align_beg       1 
_struct_ref_seq.pdbx_auth_seq_align_end       59 
# 
_pdbx_struct_assembly.id                   1 
_pdbx_struct_assembly.details              author_defined_assembly 
_pdbx_struct_assembly.method_details       ? 
_pdbx_struct_assembly.oligomeric_details   monomeric 
_pdbx_struct_assembly.oligomeric_count     1 
# 
_pdbx_struct_assembly_gen.assembly_id       1 
_pdbx_struct_assembly_gen.oper_expression   1 
_pdbx_struct_assembly_gen.asym_id_list      A 
# 
_pdbx_struct_oper_list.id                   1 
_pdbx_struct_oper_list.type                 'identity operation' 
_pdbx_struct_oper_list.name                 1_555 
_pdbx_struct_oper_list.symmetry_operation   ? 
_pdbx_struct_oper_list.matrix[1][1]         1.0000000000 
_pdbx_struct_oper_list.matrix[1][2]         0.0000000000 
_pdbx_struct_oper_list.matrix[1][3]         0.0000000000 
_pdbx_struct_oper_list.vector[1]            0.0000000000 
_pdbx_struct_oper_list.matrix[2][1]         0.0000000000 
_pdbx_struct_oper_list.matrix[2][2]         1.0000000000 
_pdbx_struct_oper_list.matrix[2][3]         0.0000000000 
_pdbx_struct_oper_list.vector[2]            0.0000000000 
_pdbx_struct_oper_list.matrix[3][1]         0.0000000000 
_pdbx_struct_oper_list.matrix[3][2]         0.0000000000 
_pdbx_struct_oper_list.matrix[3][3]         1.0000000000 
_pdbx_struct_oper_list.vector[3]            0.0000000000 
# 
_struct_biol.id   1 
# 
loop_
_struct_conn.id 
_struct_conn.conn_type_id 
_struct_conn.pdbx_leaving_atom_flag 
_struct_conn.pdbx_PDB_id 
_struct_conn.ptnr1_label_asym_id 
_struct_conn.ptnr1_label_comp_id 
_struct_conn.ptnr1_label_seq_id 
_struct_conn.ptnr1_label_atom_id 
_struct_conn.pdbx_ptnr1_label_alt_id 
_struct_conn.pdbx_ptnr1_PDB_ins_code 
_struct_conn.pdbx_ptnr1_standard_comp_id 
_struct_conn.ptnr1_symmetry 
_struct_conn.ptnr2_label_asym_id 
_struct_conn.ptnr2_label_comp_id 
_struct_conn.ptnr2_label_seq_id 
_struct_conn.ptnr2_label_atom_id 
_struct_conn.pdbx_ptnr2_label_alt_id 
_struct_conn.pdbx_ptnr2_PDB_ins_code 
_struct_conn.ptnr1_auth_asym_id 
_struct_conn.ptnr1_auth_comp_id 
_struct_conn.ptnr1_auth_seq_id 
_struct_conn.ptnr2_auth_asym_id 
_struct_conn.ptnr2_auth_comp_id 
_struct_conn.ptnr2_auth_seq_id 
_struct_conn.ptnr2_symmetry 
_struct_conn.pdbx_ptnr3_label_atom_id 
_struct_conn.pdbx_ptnr3_label_seq_id 
_struct_conn.pdbx_ptnr3_label_comp_id 
_struct_conn.pdbx_ptnr3_label_asym_id 
_struct_conn.pdbx_ptnr3_label_alt_id 
_struct_conn.pdbx_ptnr3_PDB_ins_code 
_struct_conn.details 
_struct_conn.pdbx_dist_value 
_struct_conn.pdbx_value_order 
_struct_conn.pdbx_role 
disulf1 disulf ? ? A CYS 5  SG ? ? ? 1_555 A CYS 47 SG ? ? A CYS 5  A CYS 47 1_555 ? ? ? ? ? ? ? 2.022 ? ? 
disulf2 disulf ? ? A CYS 33 SG ? ? ? 1_555 A CYS 58 SG ? ? A CYS 33 A CYS 58 1_555 ? ? ? ? ? ? ? 2.022 ? ? 
# 
_struct_conn_type.id          disulf 
_struct_conn_type.criteria    ? 
_struct_conn_type.reference   ? 
# 
loop_
_pdbx_modification_feature.ordinal 
_pdbx_modification_feature.label_comp_id 
_pdbx_modification_feature.label_asym_id 
_pdbx_modification_feature.label_seq_id 
_pdbx_modification_feature.label_alt_id 
_pdbx_modification_feature.modified_residue_label_comp_id 
_pdbx_modification_feature.modified_residue_label_asym_id 
_pdbx_modification_feature.modified_residue_label_seq_id 
_pdbx_modification_feature.modified_residue_label_alt_id 
_pdbx_modification_feature.auth_comp_id 
_pdbx_modification_feature.auth_asym_id 
_pdbx_modification_feature.auth_seq_id 
_pdbx_modification_feature.PDB_ins_code 
_pdbx_modification_feature.symmetry 
_pdbx_modification_feature.modified_residue_auth_comp_id 
_pdbx_modification_feature.modified_residue_auth_asym_id 
_pdbx_modification_feature.modified_residue_auth_seq_id 
_pdbx_modification_feature.modified_residue_PDB_ins_code 
_pdbx_modification_feature.modified_residue_symmetry 
_pdbx_modification_feature.comp_id_linking_atom 
_pdbx_modification_feature.modified_residue_id_linking_atom 
_pdbx_modification_feature.modified_residue_id 
_pdbx_modification_feature.ref_pcm_id 
_pdbx_modification_feature.ref_comp_id 
_pdbx_modification_feature.type 
_pdbx_modification_feature.category 
1 CYS A 5  ? CYS A 47 ? CYS A 5  ? 1_555 CYS A 47 ? 1_555 SG SG . . . None 'Disulfide bridge' 
2 CYS A 33 ? CYS A 58 ? CYS A 33 ? 1_555 CYS A 58 ? 1_555 SG SG . . . None 'Disulfide bridge' 
# 
_struct_mon_prot_cis.pdbx_id                1 
_struct_mon_prot_cis.label_comp_id          GLY 
_struct_mon_prot_cis.label_seq_id           2 
_struct_mon_prot_cis.label_asym_id          A 
_struct_mon_prot_cis.label_alt_id           . 
_struct_mon_prot_cis.pdbx_PDB_ins_code      ? 
_struct_mon_prot_cis.auth_comp_id           GLY 
_struct_mon_prot_cis.auth_seq_id            2 
_struct_mon_prot_cis.auth_asym_id           A 
_struct_mon_prot_cis.pdbx_label_comp_id_2   LEU 
_struct_mon_prot_cis.pdbx_label_seq_id_2    3 
_struct_mon_prot_cis.pdbx_label_asym_id_2   A 
_struct_mon_prot_cis.pdbx_PDB_ins_code_2    ? 
_struct_mon_prot_cis.pdbx_auth_comp_id_2    LEU 
_struct_mon_prot_cis.pdbx_auth_seq_id_2     3 
_struct_mon_prot_cis.pdbx_auth_asym_id_2    A 
_struct_mon_prot_cis.pdbx_PDB_model_num     1 
_struct_mon_prot_cis.pdbx_omega_angle       -0.21 
# 
loop_
_struct_sheet.id 
_struct_sheet.type 
_struct_sheet.number_strands 
_struct_sheet.details 
S1 ? 2 ? 
S2 ? 2 ? 
S3 ? 2 ? 
S4 ? 2 ? 
# 
loop_
_struct_sheet_order.sheet_id 
_struct_sheet_order.range_id_1 
_struct_sheet_order.range_id_2 
_struct_sheet_order.offset 
_struct_sheet_order.sense 
S1 1 2 ? anti-parallel 
S2 1 2 ? anti-parallel 
S3 1 2 ? anti-parallel 
S4 1 2 ? anti-parallel 
# 
loop_
_struct_sheet_range.sheet_id 
_struct_sheet_range.id 
_struct_sheet_range.beg_label_comp_id 
_struct_sheet_range.beg_label_asym_id 
_struct_sheet_range.beg_label_seq_id 
_struct_sheet_range.pdbx_beg_PDB_ins_code 
_struct_sheet_range.end_label_comp_id 
_struct_sheet_range.end_label_asym_id 
_struct_sheet_range.end_label_seq_id 
_struct_sheet_range.pdbx_end_PDB_ins_code 
_struct_sheet_range.beg_auth_comp_id 
_struct_sheet_range.beg_auth_asym_id 
_struct_sheet_range.beg_auth_seq_id 
_struct_sheet_range.end_auth_comp_id 
_struct_sheet_range.end_auth_asym_id 
_struct_sheet_range.end_auth_seq_id 
S1 1 HIS A 13 ? VAL A 15 ? HIS A 13 VAL A 15 
S1 2 LYS A 32 ? PHE A 34 ? LYS A 32 PHE A 34 
S2 1 GLU A 27 ? TYR A 31 ? GLU A 27 TYR A 31 
S2 2 ALA A 43 ? CYS A 47 ? ALA A 43 CYS A 47 
S3 1 LYS A 46 ? LEU A 48 ? LYS A 46 LEU A 48 
S3 2 LYS A 51 ? SER A 53 ? LYS A 51 SER A 53 
S4 1 GLY A 38 ? ASP A 40 ? GLY A 38 ASP A 40 
S4 2 SER A 57 ? ILE A 59 ? SER A 57 ILE A 59 
# 
_pdbx_entry_details.entry_id                   1HCC 
_pdbx_entry_details.compound_details           ? 
_pdbx_entry_details.source_details             ? 
_pdbx_entry_details.nonpolymer_details         ? 
_pdbx_entry_details.sequence_details           ? 
_pdbx_entry_details.has_ligand_of_interest     ? 
_pdbx_entry_details.has_protein_modification   Y 
# 
_pdbx_validate_close_contact.id               1 
_pdbx_validate_close_contact.PDB_model_num    1 
_pdbx_validate_close_contact.auth_atom_id_1   H 
_pdbx_validate_close_contact.auth_asym_id_1   A 
_pdbx_validate_close_contact.auth_comp_id_1   SER 
_pdbx_validate_close_contact.auth_seq_id_1    20 
_pdbx_validate_close_contact.PDB_ins_code_1   ? 
_pdbx_validate_close_contact.label_alt_id_1   ? 
_pdbx_validate_close_contact.auth_atom_id_2   HH 
_pdbx_validate_close_contact.auth_asym_id_2   A 
_pdbx_validate_close_contact.auth_comp_id_2   TYR 
_pdbx_validate_close_contact.auth_seq_id_2    23 
_pdbx_validate_close_contact.PDB_ins_code_2   ? 
_pdbx_validate_close_contact.label_alt_id_2   ? 
_pdbx_validate_close_contact.dist             1.34 
# 
loop_
_pdbx_validate_rmsd_bond.id 
_pdbx_validate_rmsd_bond.PDB_model_num 
_pdbx_validate_rmsd_bond.auth_atom_id_1 
_pdbx_validate_rmsd_bond.auth_asym_id_1 
_pdbx_validate_rmsd_bond.auth_comp_id_1 
_pdbx_validate_rmsd_bond.auth_seq_id_1 
_pdbx_validate_rmsd_bond.PDB_ins_code_1 
_pdbx_validate_rmsd_bond.label_alt_id_1 
_pdbx_validate_rmsd_bond.auth_atom_id_2 
_pdbx_validate_rmsd_bond.auth_asym_id_2 
_pdbx_validate_rmsd_bond.auth_comp_id_2 
_pdbx_validate_rmsd_bond.auth_seq_id_2 
_pdbx_validate_rmsd_bond.PDB_ins_code_2 
_pdbx_validate_rmsd_bond.label_alt_id_2 
_pdbx_validate_rmsd_bond.bond_value 
_pdbx_validate_rmsd_bond.bond_target_value 
_pdbx_validate_rmsd_bond.bond_deviation 
_pdbx_validate_rmsd_bond.bond_standard_deviation 
_pdbx_validate_rmsd_bond.linker_flag 
1 1 CB  A HIS 54 ? ? CG  A HIS 54 ? ? 1.604 1.496 0.108  0.018 N 
2 1 NE2 A HIS 54 ? ? CD2 A HIS 54 ? ? 1.284 1.373 -0.089 0.011 N 
# 
loop_
_pdbx_validate_rmsd_angle.id 
_pdbx_validate_rmsd_angle.PDB_model_num 
_pdbx_validate_rmsd_angle.auth_atom_id_1 
_pdbx_validate_rmsd_angle.auth_asym_id_1 
_pdbx_validate_rmsd_angle.auth_comp_id_1 
_pdbx_validate_rmsd_angle.auth_seq_id_1 
_pdbx_validate_rmsd_angle.PDB_ins_code_1 
_pdbx_validate_rmsd_angle.label_alt_id_1 
_pdbx_validate_rmsd_angle.auth_atom_id_2 
_pdbx_validate_rmsd_angle.auth_asym_id_2 
_pdbx_validate_rmsd_angle.auth_comp_id_2 
_pdbx_validate_rmsd_angle.auth_seq_id_2 
_pdbx_validate_rmsd_angle.PDB_ins_code_2 
_pdbx_validate_rmsd_angle.label_alt_id_2 
_pdbx_validate_rmsd_angle.auth_atom_id_3 
_pdbx_validate_rmsd_angle.auth_asym_id_3 
_pdbx_validate_rmsd_angle.auth_comp_id_3 
_pdbx_validate_rmsd_angle.auth_seq_id_3 
_pdbx_validate_rmsd_angle.PDB_ins_code_3 
_pdbx_validate_rmsd_angle.label_alt_id_3 
_pdbx_validate_rmsd_angle.angle_value 
_pdbx_validate_rmsd_angle.angle_target_value 
_pdbx_validate_rmsd_angle.angle_deviation 
_pdbx_validate_rmsd_angle.angle_standard_deviation 
_pdbx_validate_rmsd_angle.linker_flag 
1 1 CG  A TRP 52 ? ? CD1 A TRP 52 ? ? NE1 A TRP 52 ? ? 102.92 110.10 -7.18 1.00 N 
2 1 CD1 A TRP 52 ? ? NE1 A TRP 52 ? ? CE2 A TRP 52 ? ? 117.14 109.00 8.14  0.90 N 
3 1 NE1 A TRP 52 ? ? CE2 A TRP 52 ? ? CZ2 A TRP 52 ? ? 138.06 130.40 7.66  1.10 N 
# 
loop_
_pdbx_validate_torsion.id 
_pdbx_validate_torsion.PDB_model_num 
_pdbx_validate_torsion.auth_comp_id 
_pdbx_validate_torsion.auth_asym_id 
_pdbx_validate_torsion.auth_seq_id 
_pdbx_validate_torsion.PDB_ins_code 
_pdbx_validate_torsion.label_alt_id 
_pdbx_validate_torsion.phi 
_pdbx_validate_torsion.psi 
1 1 LYS A 6  ? ? -119.82 -147.66 
2 1 HIS A 13 ? ? 31.73   42.82   
3 1 GLN A 24 ? ? -124.01 -86.12  
4 1 PRO A 42 ? ? -58.11  178.78  
5 1 LEU A 48 ? ? -119.57 70.08   
6 1 HIS A 54 ? ? 34.27   101.39  
# 
_pdbx_validate_chiral.id              1 
_pdbx_validate_chiral.PDB_model_num   1 
_pdbx_validate_chiral.auth_atom_id    CB 
_pdbx_validate_chiral.label_alt_id    ? 
_pdbx_validate_chiral.auth_asym_id    A 
_pdbx_validate_chiral.auth_comp_id    ILE 
_pdbx_validate_chiral.auth_seq_id     59 
_pdbx_validate_chiral.PDB_ins_code    ? 
_pdbx_validate_chiral.details         'WRONG HAND' 
_pdbx_validate_chiral.omega           . 
# 
_pdbx_nmr_ensemble.entry_id                             1HCC 
_pdbx_nmr_ensemble.conformers_calculated_total_number   ? 
_pdbx_nmr_ensemble.conformers_submitted_total_number    1 
_pdbx_nmr_ensemble.conformer_selection_criteria         ? 
# 
_pdbx_nmr_software.classification   refinement 
_pdbx_nmr_software.name             X-PLOR 
_pdbx_nmr_software.version          ? 
_pdbx_nmr_software.authors          BRUNGER 
_pdbx_nmr_software.ordinal          1 
# 
loop_
_chem_comp_atom.comp_id 
_chem_comp_atom.atom_id 
_chem_comp_atom.type_symbol 
_chem_comp_atom.pdbx_aromatic_flag 
_chem_comp_atom.pdbx_stereo_config 
_chem_comp_atom.pdbx_ordinal 
ALA N    N N N 1   
ALA CA   C N S 2   
ALA C    C N N 3   
ALA O    O N N 4   
ALA CB   C N N 5   
ALA OXT  O N N 6   
ALA H    H N N 7   
ALA H2   H N N 8   
ALA HA   H N N 9   
ALA HB1  H N N 10  
ALA HB2  H N N 11  
ALA HB3  H N N 12  
ALA HXT  H N N 13  
ASP N    N N N 14  
ASP CA   C N S 15  
ASP C    C N N 16  
ASP O    O N N 17  
ASP CB   C N N 18  
ASP CG   C N N 19  
ASP OD1  O N N 20  
ASP OD2  O N N 21  
ASP OXT  O N N 22  
ASP H    H N N 23  
ASP H2   H N N 24  
ASP HA   H N N 25  
ASP HB2  H N N 26  
ASP HB3  H N N 27  
ASP HD2  H N N 28  
ASP HXT  H N N 29  
CYS N    N N N 30  
CYS CA   C N R 31  
CYS C    C N N 32  
CYS O    O N N 33  
CYS CB   C N N 34  
CYS SG   S N N 35  
CYS OXT  O N N 36  
CYS H    H N N 37  
CYS H2   H N N 38  
CYS HA   H N N 39  
CYS HB2  H N N 40  
CYS HB3  H N N 41  
CYS HG   H N N 42  
CYS HXT  H N N 43  
GLN N    N N N 44  
GLN CA   C N S 45  
GLN C    C N N 46  
GLN O    O N N 47  
GLN CB   C N N 48  
GLN CG   C N N 49  
GLN CD   C N N 50  
GLN OE1  O N N 51  
GLN NE2  N N N 52  
GLN OXT  O N N 53  
GLN H    H N N 54  
GLN H2   H N N 55  
GLN HA   H N N 56  
GLN HB2  H N N 57  
GLN HB3  H N N 58  
GLN HG2  H N N 59  
GLN HG3  H N N 60  
GLN HE21 H N N 61  
GLN HE22 H N N 62  
GLN HXT  H N N 63  
GLU N    N N N 64  
GLU CA   C N S 65  
GLU C    C N N 66  
GLU O    O N N 67  
GLU CB   C N N 68  
GLU CG   C N N 69  
GLU CD   C N N 70  
GLU OE1  O N N 71  
GLU OE2  O N N 72  
GLU OXT  O N N 73  
GLU H    H N N 74  
GLU H2   H N N 75  
GLU HA   H N N 76  
GLU HB2  H N N 77  
GLU HB3  H N N 78  
GLU HG2  H N N 79  
GLU HG3  H N N 80  
GLU HE2  H N N 81  
GLU HXT  H N N 82  
GLY N    N N N 83  
GLY CA   C N N 84  
GLY C    C N N 85  
GLY O    O N N 86  
GLY OXT  O N N 87  
GLY H    H N N 88  
GLY H2   H N N 89  
GLY HA2  H N N 90  
GLY HA3  H N N 91  
GLY HXT  H N N 92  
HIS N    N N N 93  
HIS CA   C N S 94  
HIS C    C N N 95  
HIS O    O N N 96  
HIS CB   C N N 97  
HIS CG   C Y N 98  
HIS ND1  N Y N 99  
HIS CD2  C Y N 100 
HIS CE1  C Y N 101 
HIS NE2  N Y N 102 
HIS OXT  O N N 103 
HIS H    H N N 104 
HIS H2   H N N 105 
HIS HA   H N N 106 
HIS HB2  H N N 107 
HIS HB3  H N N 108 
HIS HD1  H N N 109 
HIS HD2  H N N 110 
HIS HE1  H N N 111 
HIS HE2  H N N 112 
HIS HXT  H N N 113 
ILE N    N N N 114 
ILE CA   C N S 115 
ILE C    C N N 116 
ILE O    O N N 117 
ILE CB   C N S 118 
ILE CG1  C N N 119 
ILE CG2  C N N 120 
ILE CD1  C N N 121 
ILE OXT  O N N 122 
ILE H    H N N 123 
ILE H2   H N N 124 
ILE HA   H N N 125 
ILE HB   H N N 126 
ILE HG12 H N N 127 
ILE HG13 H N N 128 
ILE HG21 H N N 129 
ILE HG22 H N N 130 
ILE HG23 H N N 131 
ILE HD11 H N N 132 
ILE HD12 H N N 133 
ILE HD13 H N N 134 
ILE HXT  H N N 135 
LEU N    N N N 136 
LEU CA   C N S 137 
LEU C    C N N 138 
LEU O    O N N 139 
LEU CB   C N N 140 
LEU CG   C N N 141 
LEU CD1  C N N 142 
LEU CD2  C N N 143 
LEU OXT  O N N 144 
LEU H    H N N 145 
LEU H2   H N N 146 
LEU HA   H N N 147 
LEU HB2  H N N 148 
LEU HB3  H N N 149 
LEU HG   H N N 150 
LEU HD11 H N N 151 
LEU HD12 H N N 152 
LEU HD13 H N N 153 
LEU HD21 H N N 154 
LEU HD22 H N N 155 
LEU HD23 H N N 156 
LEU HXT  H N N 157 
LYS N    N N N 158 
LYS CA   C N S 159 
LYS C    C N N 160 
LYS O    O N N 161 
LYS CB   C N N 162 
LYS CG   C N N 163 
LYS CD   C N N 164 
LYS CE   C N N 165 
LYS NZ   N N N 166 
LYS OXT  O N N 167 
LYS H    H N N 168 
LYS H2   H N N 169 
LYS HA   H N N 170 
LYS HB2  H N N 171 
LYS HB3  H N N 172 
LYS HG2  H N N 173 
LYS HG3  H N N 174 
LYS HD2  H N N 175 
LYS HD3  H N N 176 
LYS HE2  H N N 177 
LYS HE3  H N N 178 
LYS HZ1  H N N 179 
LYS HZ2  H N N 180 
LYS HZ3  H N N 181 
LYS HXT  H N N 182 
MET N    N N N 183 
MET CA   C N S 184 
MET C    C N N 185 
MET O    O N N 186 
MET CB   C N N 187 
MET CG   C N N 188 
MET SD   S N N 189 
MET CE   C N N 190 
MET OXT  O N N 191 
MET H    H N N 192 
MET H2   H N N 193 
MET HA   H N N 194 
MET HB2  H N N 195 
MET HB3  H N N 196 
MET HG2  H N N 197 
MET HG3  H N N 198 
MET HE1  H N N 199 
MET HE2  H N N 200 
MET HE3  H N N 201 
MET HXT  H N N 202 
PHE N    N N N 203 
PHE CA   C N S 204 
PHE C    C N N 205 
PHE O    O N N 206 
PHE CB   C N N 207 
PHE CG   C Y N 208 
PHE CD1  C Y N 209 
PHE CD2  C Y N 210 
PHE CE1  C Y N 211 
PHE CE2  C Y N 212 
PHE CZ   C Y N 213 
PHE OXT  O N N 214 
PHE H    H N N 215 
PHE H2   H N N 216 
PHE HA   H N N 217 
PHE HB2  H N N 218 
PHE HB3  H N N 219 
PHE HD1  H N N 220 
PHE HD2  H N N 221 
PHE HE1  H N N 222 
PHE HE2  H N N 223 
PHE HZ   H N N 224 
PHE HXT  H N N 225 
PRO N    N N N 226 
PRO CA   C N S 227 
PRO C    C N N 228 
PRO O    O N N 229 
PRO CB   C N N 230 
PRO CG   C N N 231 
PRO CD   C N N 232 
PRO OXT  O N N 233 
PRO H    H N N 234 
PRO HA   H N N 235 
PRO HB2  H N N 236 
PRO HB3  H N N 237 
PRO HG2  H N N 238 
PRO HG3  H N N 239 
PRO HD2  H N N 240 
PRO HD3  H N N 241 
PRO HXT  H N N 242 
SER N    N N N 243 
SER CA   C N S 244 
SER C    C N N 245 
SER O    O N N 246 
SER CB   C N N 247 
SER OG   O N N 248 
SER OXT  O N N 249 
SER H    H N N 250 
SER H2   H N N 251 
SER HA   H N N 252 
SER HB2  H N N 253 
SER HB3  H N N 254 
SER HG   H N N 255 
SER HXT  H N N 256 
THR N    N N N 257 
THR CA   C N S 258 
THR C    C N N 259 
THR O    O N N 260 
THR CB   C N R 261 
THR OG1  O N N 262 
THR CG2  C N N 263 
THR OXT  O N N 264 
THR H    H N N 265 
THR H2   H N N 266 
THR HA   H N N 267 
THR HB   H N N 268 
THR HG1  H N N 269 
THR HG21 H N N 270 
THR HG22 H N N 271 
THR HG23 H N N 272 
THR HXT  H N N 273 
TRP N    N N N 274 
TRP CA   C N S 275 
TRP C    C N N 276 
TRP O    O N N 277 
TRP CB   C N N 278 
TRP CG   C Y N 279 
TRP CD1  C Y N 280 
TRP CD2  C Y N 281 
TRP NE1  N Y N 282 
TRP CE2  C Y N 283 
TRP CE3  C Y N 284 
TRP CZ2  C Y N 285 
TRP CZ3  C Y N 286 
TRP CH2  C Y N 287 
TRP OXT  O N N 288 
TRP H    H N N 289 
TRP H2   H N N 290 
TRP HA   H N N 291 
TRP HB2  H N N 292 
TRP HB3  H N N 293 
TRP HD1  H N N 294 
TRP HE1  H N N 295 
TRP HE3  H N N 296 
TRP HZ2  H N N 297 
TRP HZ3  H N N 298 
TRP HH2  H N N 299 
TRP HXT  H N N 300 
TYR N    N N N 301 
TYR CA   C N S 302 
TYR C    C N N 303 
TYR O    O N N 304 
TYR CB   C N N 305 
TYR CG   C Y N 306 
TYR CD1  C Y N 307 
TYR CD2  C Y N 308 
TYR CE1  C Y N 309 
TYR CE2  C Y N 310 
TYR CZ   C Y N 311 
TYR OH   O N N 312 
TYR OXT  O N N 313 
TYR H    H N N 314 
TYR H2   H N N 315 
TYR HA   H N N 316 
TYR HB2  H N N 317 
TYR HB3  H N N 318 
TYR HD1  H N N 319 
TYR HD2  H N N 320 
TYR HE1  H N N 321 
TYR HE2  H N N 322 
TYR HH   H N N 323 
TYR HXT  H N N 324 
VAL N    N N N 325 
VAL CA   C N S 326 
VAL C    C N N 327 
VAL O    O N N 328 
VAL CB   C N N 329 
VAL CG1  C N N 330 
VAL CG2  C N N 331 
VAL OXT  O N N 332 
VAL H    H N N 333 
VAL H2   H N N 334 
VAL HA   H N N 335 
VAL HB   H N N 336 
VAL HG11 H N N 337 
VAL HG12 H N N 338 
VAL HG13 H N N 339 
VAL HG21 H N N 340 
VAL HG22 H N N 341 
VAL HG23 H N N 342 
VAL HXT  H N N 343 
# 
loop_
_chem_comp_bond.comp_id 
_chem_comp_bond.atom_id_1 
_chem_comp_bond.atom_id_2 
_chem_comp_bond.value_order 
_chem_comp_bond.pdbx_aromatic_flag 
_chem_comp_bond.pdbx_stereo_config 
_chem_comp_bond.pdbx_ordinal 
ALA N   CA   sing N N 1   
ALA N   H    sing N N 2   
ALA N   H2   sing N N 3   
ALA CA  C    sing N N 4   
ALA CA  CB   sing N N 5   
ALA CA  HA   sing N N 6   
ALA C   O    doub N N 7   
ALA C   OXT  sing N N 8   
ALA CB  HB1  sing N N 9   
ALA CB  HB2  sing N N 10  
ALA CB  HB3  sing N N 11  
ALA OXT HXT  sing N N 12  
ASP N   CA   sing N N 13  
ASP N   H    sing N N 14  
ASP N   H2   sing N N 15  
ASP CA  C    sing N N 16  
ASP CA  CB   sing N N 17  
ASP CA  HA   sing N N 18  
ASP C   O    doub N N 19  
ASP C   OXT  sing N N 20  
ASP CB  CG   sing N N 21  
ASP CB  HB2  sing N N 22  
ASP CB  HB3  sing N N 23  
ASP CG  OD1  doub N N 24  
ASP CG  OD2  sing N N 25  
ASP OD2 HD2  sing N N 26  
ASP OXT HXT  sing N N 27  
CYS N   CA   sing N N 28  
CYS N   H    sing N N 29  
CYS N   H2   sing N N 30  
CYS CA  C    sing N N 31  
CYS CA  CB   sing N N 32  
CYS CA  HA   sing N N 33  
CYS C   O    doub N N 34  
CYS C   OXT  sing N N 35  
CYS CB  SG   sing N N 36  
CYS CB  HB2  sing N N 37  
CYS CB  HB3  sing N N 38  
CYS SG  HG   sing N N 39  
CYS OXT HXT  sing N N 40  
GLN N   CA   sing N N 41  
GLN N   H    sing N N 42  
GLN N   H2   sing N N 43  
GLN CA  C    sing N N 44  
GLN CA  CB   sing N N 45  
GLN CA  HA   sing N N 46  
GLN C   O    doub N N 47  
GLN C   OXT  sing N N 48  
GLN CB  CG   sing N N 49  
GLN CB  HB2  sing N N 50  
GLN CB  HB3  sing N N 51  
GLN CG  CD   sing N N 52  
GLN CG  HG2  sing N N 53  
GLN CG  HG3  sing N N 54  
GLN CD  OE1  doub N N 55  
GLN CD  NE2  sing N N 56  
GLN NE2 HE21 sing N N 57  
GLN NE2 HE22 sing N N 58  
GLN OXT HXT  sing N N 59  
GLU N   CA   sing N N 60  
GLU N   H    sing N N 61  
GLU N   H2   sing N N 62  
GLU CA  C    sing N N 63  
GLU CA  CB   sing N N 64  
GLU CA  HA   sing N N 65  
GLU C   O    doub N N 66  
GLU C   OXT  sing N N 67  
GLU CB  CG   sing N N 68  
GLU CB  HB2  sing N N 69  
GLU CB  HB3  sing N N 70  
GLU CG  CD   sing N N 71  
GLU CG  HG2  sing N N 72  
GLU CG  HG3  sing N N 73  
GLU CD  OE1  doub N N 74  
GLU CD  OE2  sing N N 75  
GLU OE2 HE2  sing N N 76  
GLU OXT HXT  sing N N 77  
GLY N   CA   sing N N 78  
GLY N   H    sing N N 79  
GLY N   H2   sing N N 80  
GLY CA  C    sing N N 81  
GLY CA  HA2  sing N N 82  
GLY CA  HA3  sing N N 83  
GLY C   O    doub N N 84  
GLY C   OXT  sing N N 85  
GLY OXT HXT  sing N N 86  
HIS N   CA   sing N N 87  
HIS N   H    sing N N 88  
HIS N   H2   sing N N 89  
HIS CA  C    sing N N 90  
HIS CA  CB   sing N N 91  
HIS CA  HA   sing N N 92  
HIS C   O    doub N N 93  
HIS C   OXT  sing N N 94  
HIS CB  CG   sing N N 95  
HIS CB  HB2  sing N N 96  
HIS CB  HB3  sing N N 97  
HIS CG  ND1  sing Y N 98  
HIS CG  CD2  doub Y N 99  
HIS ND1 CE1  doub Y N 100 
HIS ND1 HD1  sing N N 101 
HIS CD2 NE2  sing Y N 102 
HIS CD2 HD2  sing N N 103 
HIS CE1 NE2  sing Y N 104 
HIS CE1 HE1  sing N N 105 
HIS NE2 HE2  sing N N 106 
HIS OXT HXT  sing N N 107 
ILE N   CA   sing N N 108 
ILE N   H    sing N N 109 
ILE N   H2   sing N N 110 
ILE CA  C    sing N N 111 
ILE CA  CB   sing N N 112 
ILE CA  HA   sing N N 113 
ILE C   O    doub N N 114 
ILE C   OXT  sing N N 115 
ILE CB  CG1  sing N N 116 
ILE CB  CG2  sing N N 117 
ILE CB  HB   sing N N 118 
ILE CG1 CD1  sing N N 119 
ILE CG1 HG12 sing N N 120 
ILE CG1 HG13 sing N N 121 
ILE CG2 HG21 sing N N 122 
ILE CG2 HG22 sing N N 123 
ILE CG2 HG23 sing N N 124 
ILE CD1 HD11 sing N N 125 
ILE CD1 HD12 sing N N 126 
ILE CD1 HD13 sing N N 127 
ILE OXT HXT  sing N N 128 
LEU N   CA   sing N N 129 
LEU N   H    sing N N 130 
LEU N   H2   sing N N 131 
LEU CA  C    sing N N 132 
LEU CA  CB   sing N N 133 
LEU CA  HA   sing N N 134 
LEU C   O    doub N N 135 
LEU C   OXT  sing N N 136 
LEU CB  CG   sing N N 137 
LEU CB  HB2  sing N N 138 
LEU CB  HB3  sing N N 139 
LEU CG  CD1  sing N N 140 
LEU CG  CD2  sing N N 141 
LEU CG  HG   sing N N 142 
LEU CD1 HD11 sing N N 143 
LEU CD1 HD12 sing N N 144 
LEU CD1 HD13 sing N N 145 
LEU CD2 HD21 sing N N 146 
LEU CD2 HD22 sing N N 147 
LEU CD2 HD23 sing N N 148 
LEU OXT HXT  sing N N 149 
LYS N   CA   sing N N 150 
LYS N   H    sing N N 151 
LYS N   H2   sing N N 152 
LYS CA  C    sing N N 153 
LYS CA  CB   sing N N 154 
LYS CA  HA   sing N N 155 
LYS C   O    doub N N 156 
LYS C   OXT  sing N N 157 
LYS CB  CG   sing N N 158 
LYS CB  HB2  sing N N 159 
LYS CB  HB3  sing N N 160 
LYS CG  CD   sing N N 161 
LYS CG  HG2  sing N N 162 
LYS CG  HG3  sing N N 163 
LYS CD  CE   sing N N 164 
LYS CD  HD2  sing N N 165 
LYS CD  HD3  sing N N 166 
LYS CE  NZ   sing N N 167 
LYS CE  HE2  sing N N 168 
LYS CE  HE3  sing N N 169 
LYS NZ  HZ1  sing N N 170 
LYS NZ  HZ2  sing N N 171 
LYS NZ  HZ3  sing N N 172 
LYS OXT HXT  sing N N 173 
MET N   CA   sing N N 174 
MET N   H    sing N N 175 
MET N   H2   sing N N 176 
MET CA  C    sing N N 177 
MET CA  CB   sing N N 178 
MET CA  HA   sing N N 179 
MET C   O    doub N N 180 
MET C   OXT  sing N N 181 
MET CB  CG   sing N N 182 
MET CB  HB2  sing N N 183 
MET CB  HB3  sing N N 184 
MET CG  SD   sing N N 185 
MET CG  HG2  sing N N 186 
MET CG  HG3  sing N N 187 
MET SD  CE   sing N N 188 
MET CE  HE1  sing N N 189 
MET CE  HE2  sing N N 190 
MET CE  HE3  sing N N 191 
MET OXT HXT  sing N N 192 
PHE N   CA   sing N N 193 
PHE N   H    sing N N 194 
PHE N   H2   sing N N 195 
PHE CA  C    sing N N 196 
PHE CA  CB   sing N N 197 
PHE CA  HA   sing N N 198 
PHE C   O    doub N N 199 
PHE C   OXT  sing N N 200 
PHE CB  CG   sing N N 201 
PHE CB  HB2  sing N N 202 
PHE CB  HB3  sing N N 203 
PHE CG  CD1  doub Y N 204 
PHE CG  CD2  sing Y N 205 
PHE CD1 CE1  sing Y N 206 
PHE CD1 HD1  sing N N 207 
PHE CD2 CE2  doub Y N 208 
PHE CD2 HD2  sing N N 209 
PHE CE1 CZ   doub Y N 210 
PHE CE1 HE1  sing N N 211 
PHE CE2 CZ   sing Y N 212 
PHE CE2 HE2  sing N N 213 
PHE CZ  HZ   sing N N 214 
PHE OXT HXT  sing N N 215 
PRO N   CA   sing N N 216 
PRO N   CD   sing N N 217 
PRO N   H    sing N N 218 
PRO CA  C    sing N N 219 
PRO CA  CB   sing N N 220 
PRO CA  HA   sing N N 221 
PRO C   O    doub N N 222 
PRO C   OXT  sing N N 223 
PRO CB  CG   sing N N 224 
PRO CB  HB2  sing N N 225 
PRO CB  HB3  sing N N 226 
PRO CG  CD   sing N N 227 
PRO CG  HG2  sing N N 228 
PRO CG  HG3  sing N N 229 
PRO CD  HD2  sing N N 230 
PRO CD  HD3  sing N N 231 
PRO OXT HXT  sing N N 232 
SER N   CA   sing N N 233 
SER N   H    sing N N 234 
SER N   H2   sing N N 235 
SER CA  C    sing N N 236 
SER CA  CB   sing N N 237 
SER CA  HA   sing N N 238 
SER C   O    doub N N 239 
SER C   OXT  sing N N 240 
SER CB  OG   sing N N 241 
SER CB  HB2  sing N N 242 
SER CB  HB3  sing N N 243 
SER OG  HG   sing N N 244 
SER OXT HXT  sing N N 245 
THR N   CA   sing N N 246 
THR N   H    sing N N 247 
THR N   H2   sing N N 248 
THR CA  C    sing N N 249 
THR CA  CB   sing N N 250 
THR CA  HA   sing N N 251 
THR C   O    doub N N 252 
THR C   OXT  sing N N 253 
THR CB  OG1  sing N N 254 
THR CB  CG2  sing N N 255 
THR CB  HB   sing N N 256 
THR OG1 HG1  sing N N 257 
THR CG2 HG21 sing N N 258 
THR CG2 HG22 sing N N 259 
THR CG2 HG23 sing N N 260 
THR OXT HXT  sing N N 261 
TRP N   CA   sing N N 262 
TRP N   H    sing N N 263 
TRP N   H2   sing N N 264 
TRP CA  C    sing N N 265 
TRP CA  CB   sing N N 266 
TRP CA  HA   sing N N 267 
TRP C   O    doub N N 268 
TRP C   OXT  sing N N 269 
TRP CB  CG   sing N N 270 
TRP CB  HB2  sing N N 271 
TRP CB  HB3  sing N N 272 
TRP CG  CD1  doub Y N 273 
TRP CG  CD2  sing Y N 274 
TRP CD1 NE1  sing Y N 275 
TRP CD1 HD1  sing N N 276 
TRP CD2 CE2  doub Y N 277 
TRP CD2 CE3  sing Y N 278 
TRP NE1 CE2  sing Y N 279 
TRP NE1 HE1  sing N N 280 
TRP CE2 CZ2  sing Y N 281 
TRP CE3 CZ3  doub Y N 282 
TRP CE3 HE3  sing N N 283 
TRP CZ2 CH2  doub Y N 284 
TRP CZ2 HZ2  sing N N 285 
TRP CZ3 CH2  sing Y N 286 
TRP CZ3 HZ3  sing N N 287 
TRP CH2 HH2  sing N N 288 
TRP OXT HXT  sing N N 289 
TYR N   CA   sing N N 290 
TYR N   H    sing N N 291 
TYR N   H2   sing N N 292 
TYR CA  C    sing N N 293 
TYR CA  CB   sing N N 294 
TYR CA  HA   sing N N 295 
TYR C   O    doub N N 296 
TYR C   OXT  sing N N 297 
TYR CB  CG   sing N N 298 
TYR CB  HB2  sing N N 299 
TYR CB  HB3  sing N N 300 
TYR CG  CD1  doub Y N 301 
TYR CG  CD2  sing Y N 302 
TYR CD1 CE1  sing Y N 303 
TYR CD1 HD1  sing N N 304 
TYR CD2 CE2  doub Y N 305 
TYR CD2 HD2  sing N N 306 
TYR CE1 CZ   doub Y N 307 
TYR CE1 HE1  sing N N 308 
TYR CE2 CZ   sing Y N 309 
TYR CE2 HE2  sing N N 310 
TYR CZ  OH   sing N N 311 
TYR OH  HH   sing N N 312 
TYR OXT HXT  sing N N 313 
VAL N   CA   sing N N 314 
VAL N   H    sing N N 315 
VAL N   H2   sing N N 316 
VAL CA  C    sing N N 317 
VAL CA  CB   sing N N 318 
VAL CA  HA   sing N N 319 
VAL C   O    doub N N 320 
VAL C   OXT  sing N N 321 
VAL CB  CG1  sing N N 322 
VAL CB  CG2  sing N N 323 
VAL CB  HB   sing N N 324 
VAL CG1 HG11 sing N N 325 
VAL CG1 HG12 sing N N 326 
VAL CG1 HG13 sing N N 327 
VAL CG2 HG21 sing N N 328 
VAL CG2 HG22 sing N N 329 
VAL CG2 HG23 sing N N 330 
VAL OXT HXT  sing N N 331 
# 
_atom_sites.entry_id                    1HCC 
_atom_sites.fract_transf_matrix[1][1]   1.000000 
_atom_sites.fract_transf_matrix[1][2]   0.000000 
_atom_sites.fract_transf_matrix[1][3]   0.000000 
_atom_sites.fract_transf_matrix[2][1]   0.000000 
_atom_sites.fract_transf_matrix[2][2]   1.000000 
_atom_sites.fract_transf_matrix[2][3]   0.000000 
_atom_sites.fract_transf_matrix[3][1]   0.000000 
_atom_sites.fract_transf_matrix[3][2]   0.000000 
_atom_sites.fract_transf_matrix[3][3]   1.000000 
_atom_sites.fract_transf_vector[1]      0.00000 
_atom_sites.fract_transf_vector[2]      0.00000 
_atom_sites.fract_transf_vector[3]      0.00000 
# 
loop_
_atom_type.symbol 
C 
H 
N 
O 
S 
# 
loop_
_atom_site.group_PDB 
_atom_site.id 
_atom_site.type_symbol 
_atom_site.label_atom_id 
_atom_site.label_alt_id 
_atom_site.label_comp_id 
_atom_site.label_asym_id 
_atom_site.label_entity_id 
_atom_site.label_seq_id 
_atom_site.pdbx_PDB_ins_code 
_atom_site.Cartn_x 
_atom_site.Cartn_y 
_atom_site.Cartn_z 
_atom_site.occupancy 
_atom_site.B_iso_or_equiv 
_atom_site.pdbx_formal_charge 
_atom_site.auth_seq_id 
_atom_site.auth_comp_id 
_atom_site.auth_asym_id 
_atom_site.auth_atom_id 
_atom_site.pdbx_PDB_model_num 
ATOM 1   N N    . GLU A 1 1  ? 13.535  -18.273 5.779   1.00 0.00 ? 1  GLU A N    1 
ATOM 2   C CA   . GLU A 1 1  ? 13.582  -16.804 6.016   1.00 0.00 ? 1  GLU A CA   1 
ATOM 3   C C    . GLU A 1 1  ? 12.152  -16.257 5.938   1.00 0.00 ? 1  GLU A C    1 
ATOM 4   O O    . GLU A 1 1  ? 11.532  -16.063 6.965   1.00 0.00 ? 1  GLU A O    1 
ATOM 5   C CB   . GLU A 1 1  ? 14.484  -16.143 4.938   1.00 0.00 ? 1  GLU A CB   1 
ATOM 6   C CG   . GLU A 1 1  ? 14.488  -14.600 5.078   1.00 0.00 ? 1  GLU A CG   1 
ATOM 7   C CD   . GLU A 1 1  ? 15.314  -13.988 3.931   1.00 0.00 ? 1  GLU A CD   1 
ATOM 8   O OE1  . GLU A 1 1  ? 16.511  -14.227 3.929   1.00 0.00 ? 1  GLU A OE1  1 
ATOM 9   O OE2  . GLU A 1 1  ? 14.700  -13.315 3.119   1.00 0.00 ? 1  GLU A OE2  1 
ATOM 10  H H1   . GLU A 1 1  ? 12.550  -18.567 5.617   1.00 0.00 ? 1  GLU A H1   1 
ATOM 11  H H2   . GLU A 1 1  ? 14.109  -18.511 4.946   1.00 0.00 ? 1  GLU A H2   1 
ATOM 12  H H3   . GLU A 1 1  ? 13.910  -18.768 6.612   1.00 0.00 ? 1  GLU A H3   1 
ATOM 13  H HA   . GLU A 1 1  ? 13.976  -16.623 7.005   1.00 0.00 ? 1  GLU A HA   1 
ATOM 14  H HB2  . GLU A 1 1  ? 15.492  -16.515 5.057   1.00 0.00 ? 1  GLU A HB2  1 
ATOM 15  H HB3  . GLU A 1 1  ? 14.141  -16.418 3.951   1.00 0.00 ? 1  GLU A HB3  1 
ATOM 16  H HG2  . GLU A 1 1  ? 13.482  -14.207 5.039   1.00 0.00 ? 1  GLU A HG2  1 
ATOM 17  H HG3  . GLU A 1 1  ? 14.933  -14.311 6.020   1.00 0.00 ? 1  GLU A HG3  1 
ATOM 18  N N    . GLY A 1 2  ? 11.692  -16.053 4.725   1.00 0.00 ? 2  GLY A N    1 
ATOM 19  C CA   . GLY A 1 2  ? 10.323  -15.520 4.437   1.00 0.00 ? 2  GLY A CA   1 
ATOM 20  C C    . GLY A 1 2  ? 9.806   -14.438 5.418   1.00 0.00 ? 2  GLY A C    1 
ATOM 21  O O    . GLY A 1 2  ? 10.560  -13.887 6.194   1.00 0.00 ? 2  GLY A O    1 
ATOM 22  H H    . GLY A 1 2  ? 12.275  -16.260 3.964   1.00 0.00 ? 2  GLY A H    1 
ATOM 23  H HA2  . GLY A 1 2  ? 10.331  -15.097 3.441   1.00 0.00 ? 2  GLY A HA2  1 
ATOM 24  H HA3  . GLY A 1 2  ? 9.648   -16.362 4.449   1.00 0.00 ? 2  GLY A HA3  1 
ATOM 25  N N    . LEU A 1 3  ? 8.539   -14.103 5.388   1.00 0.00 ? 3  LEU A N    1 
ATOM 26  C CA   . LEU A 1 3  ? 7.538   -14.707 4.447   1.00 0.00 ? 3  LEU A CA   1 
ATOM 27  C C    . LEU A 1 3  ? 7.560   -13.782 3.217   1.00 0.00 ? 3  LEU A C    1 
ATOM 28  O O    . LEU A 1 3  ? 7.820   -12.611 3.386   1.00 0.00 ? 3  LEU A O    1 
ATOM 29  C CB   . LEU A 1 3  ? 6.156   -14.694 5.134   1.00 0.00 ? 3  LEU A CB   1 
ATOM 30  C CG   . LEU A 1 3  ? 6.201   -15.526 6.457   1.00 0.00 ? 3  LEU A CG   1 
ATOM 31  C CD1  . LEU A 1 3  ? 4.895   -15.230 7.270   1.00 0.00 ? 3  LEU A CD1  1 
ATOM 32  C CD2  . LEU A 1 3  ? 6.246   -17.055 6.118   1.00 0.00 ? 3  LEU A CD2  1 
ATOM 33  H H    . LEU A 1 3  ? 8.231   -13.419 6.018   1.00 0.00 ? 3  LEU A H    1 
ATOM 34  H HA   . LEU A 1 3  ? 7.817   -15.710 4.170   1.00 0.00 ? 3  LEU A HA   1 
ATOM 35  H HB2  . LEU A 1 3  ? 5.937   -13.667 5.389   1.00 0.00 ? 3  LEU A HB2  1 
ATOM 36  H HB3  . LEU A 1 3  ? 5.391   -15.051 4.461   1.00 0.00 ? 3  LEU A HB3  1 
ATOM 37  H HG   . LEU A 1 3  ? 7.059   -15.267 7.058   1.00 0.00 ? 3  LEU A HG   1 
ATOM 38  H HD11 . LEU A 1 3  ? 4.354   -14.405 6.836   1.00 0.00 ? 3  LEU A HD11 1 
ATOM 39  H HD12 . LEU A 1 3  ? 4.226   -16.076 7.315   1.00 0.00 ? 3  LEU A HD12 1 
ATOM 40  H HD13 . LEU A 1 3  ? 5.160   -14.953 8.279   1.00 0.00 ? 3  LEU A HD13 1 
ATOM 41  H HD21 . LEU A 1 3  ? 6.420   -17.219 5.065   1.00 0.00 ? 3  LEU A HD21 1 
ATOM 42  H HD22 . LEU A 1 3  ? 7.054   -17.517 6.667   1.00 0.00 ? 3  LEU A HD22 1 
ATOM 43  H HD23 . LEU A 1 3  ? 5.329   -17.561 6.386   1.00 0.00 ? 3  LEU A HD23 1 
ATOM 44  N N    . PRO A 1 4  ? 7.303   -14.271 2.027   1.00 0.00 ? 4  PRO A N    1 
ATOM 45  C CA   . PRO A 1 4  ? 7.141   -13.378 0.845   1.00 0.00 ? 4  PRO A CA   1 
ATOM 46  C C    . PRO A 1 4  ? 5.772   -12.685 0.909   1.00 0.00 ? 4  PRO A C    1 
ATOM 47  O O    . PRO A 1 4  ? 4.857   -13.204 1.520   1.00 0.00 ? 4  PRO A O    1 
ATOM 48  C CB   . PRO A 1 4  ? 7.298   -14.323 -0.337  1.00 0.00 ? 4  PRO A CB   1 
ATOM 49  C CG   . PRO A 1 4  ? 6.648   -15.630 0.207   1.00 0.00 ? 4  PRO A CG   1 
ATOM 50  C CD   . PRO A 1 4  ? 7.152   -15.710 1.672   1.00 0.00 ? 4  PRO A CD   1 
ATOM 51  H HA   . PRO A 1 4  ? 7.924   -12.634 0.844   1.00 0.00 ? 4  PRO A HA   1 
ATOM 52  H HB2  . PRO A 1 4  ? 6.768   -13.958 -1.204  1.00 0.00 ? 4  PRO A HB2  1 
ATOM 53  H HB3  . PRO A 1 4  ? 8.340   -14.473 -0.581  1.00 0.00 ? 4  PRO A HB3  1 
ATOM 54  H HG2  . PRO A 1 4  ? 5.571   -15.576 0.166   1.00 0.00 ? 4  PRO A HG2  1 
ATOM 55  H HG3  . PRO A 1 4  ? 6.990   -16.483 -0.363  1.00 0.00 ? 4  PRO A HG3  1 
ATOM 56  H HD2  . PRO A 1 4  ? 6.427   -16.179 2.318   1.00 0.00 ? 4  PRO A HD2  1 
ATOM 57  H HD3  . PRO A 1 4  ? 8.109   -16.206 1.745   1.00 0.00 ? 4  PRO A HD3  1 
ATOM 58  N N    . CYS A 1 5  ? 5.668   -11.540 0.278   1.00 0.00 ? 5  CYS A N    1 
ATOM 59  C CA   . CYS A 1 5  ? 4.372   -10.799 0.286   1.00 0.00 ? 5  CYS A CA   1 
ATOM 60  C C    . CYS A 1 5  ? 3.566   -11.286 -0.914  1.00 0.00 ? 5  CYS A C    1 
ATOM 61  O O    . CYS A 1 5  ? 4.101   -11.871 -1.836  1.00 0.00 ? 5  CYS A O    1 
ATOM 62  C CB   . CYS A 1 5  ? 4.592   -9.260  0.139   1.00 0.00 ? 5  CYS A CB   1 
ATOM 63  S SG   . CYS A 1 5  ? 5.316   -8.321  1.510   1.00 0.00 ? 5  CYS A SG   1 
ATOM 64  H H    . CYS A 1 5  ? 6.432   -11.158 -0.193  1.00 0.00 ? 5  CYS A H    1 
ATOM 65  H HA   . CYS A 1 5  ? 3.832   -11.009 1.198   1.00 0.00 ? 5  CYS A HA   1 
ATOM 66  H HB2  . CYS A 1 5  ? 5.217   -9.099  -0.727  1.00 0.00 ? 5  CYS A HB2  1 
ATOM 67  H HB3  . CYS A 1 5  ? 3.634   -8.809  -0.075  1.00 0.00 ? 5  CYS A HB3  1 
ATOM 68  N N    . LYS A 1 6  ? 2.291   -11.020 -0.847  1.00 0.00 ? 6  LYS A N    1 
ATOM 69  C CA   . LYS A 1 6  ? 1.348   -11.419 -1.932  1.00 0.00 ? 6  LYS A CA   1 
ATOM 70  C C    . LYS A 1 6  ? 0.739   -10.105 -2.437  1.00 0.00 ? 6  LYS A C    1 
ATOM 71  O O    . LYS A 1 6  ? 1.407   -9.086  -2.425  1.00 0.00 ? 6  LYS A O    1 
ATOM 72  C CB   . LYS A 1 6  ? 0.257   -12.353 -1.345  1.00 0.00 ? 6  LYS A CB   1 
ATOM 73  C CG   . LYS A 1 6  ? 0.850   -13.682 -0.837  1.00 0.00 ? 6  LYS A CG   1 
ATOM 74  C CD   . LYS A 1 6  ? -0.303  -14.511 -0.214  1.00 0.00 ? 6  LYS A CD   1 
ATOM 75  C CE   . LYS A 1 6  ? 0.198   -15.906 0.199   1.00 0.00 ? 6  LYS A CE   1 
ATOM 76  N NZ   . LYS A 1 6  ? 0.593   -16.690 -1.008  1.00 0.00 ? 6  LYS A NZ   1 
ATOM 77  H H    . LYS A 1 6  ? 1.940   -10.548 -0.063  1.00 0.00 ? 6  LYS A H    1 
ATOM 78  H HA   . LYS A 1 6  ? 1.903   -11.884 -2.736  1.00 0.00 ? 6  LYS A HA   1 
ATOM 79  H HB2  . LYS A 1 6  ? -0.228  -11.847 -0.526  1.00 0.00 ? 6  LYS A HB2  1 
ATOM 80  H HB3  . LYS A 1 6  ? -0.485  -12.573 -2.100  1.00 0.00 ? 6  LYS A HB3  1 
ATOM 81  H HG2  . LYS A 1 6  ? 1.299   -14.220 -1.660  1.00 0.00 ? 6  LYS A HG2  1 
ATOM 82  H HG3  . LYS A 1 6  ? 1.605   -13.488 -0.090  1.00 0.00 ? 6  LYS A HG3  1 
ATOM 83  H HD2  . LYS A 1 6  ? -0.687  -14.001 0.657   1.00 0.00 ? 6  LYS A HD2  1 
ATOM 84  H HD3  . LYS A 1 6  ? -1.107  -14.620 -0.928  1.00 0.00 ? 6  LYS A HD3  1 
ATOM 85  H HE2  . LYS A 1 6  ? 1.053   -15.822 0.852   1.00 0.00 ? 6  LYS A HE2  1 
ATOM 86  H HE3  . LYS A 1 6  ? -0.586  -16.440 0.713   1.00 0.00 ? 6  LYS A HE3  1 
ATOM 87  H HZ1  . LYS A 1 6  ? 0.443   -16.116 -1.861  1.00 0.00 ? 6  LYS A HZ1  1 
ATOM 88  H HZ2  . LYS A 1 6  ? 1.597   -16.952 -0.938  1.00 0.00 ? 6  LYS A HZ2  1 
ATOM 89  H HZ3  . LYS A 1 6  ? 0.013   -17.551 -1.063  1.00 0.00 ? 6  LYS A HZ3  1 
ATOM 90  N N    . SER A 1 7  ? -0.497  -10.142 -2.871  1.00 0.00 ? 7  SER A N    1 
ATOM 91  C CA   . SER A 1 7  ? -1.136  -8.890  -3.367  1.00 0.00 ? 7  SER A CA   1 
ATOM 92  C C    . SER A 1 7  ? -1.348  -7.984  -2.129  1.00 0.00 ? 7  SER A C    1 
ATOM 93  O O    . SER A 1 7  ? -1.792  -8.474  -1.107  1.00 0.00 ? 7  SER A O    1 
ATOM 94  C CB   . SER A 1 7  ? -2.494  -9.243  -4.027  1.00 0.00 ? 7  SER A CB   1 
ATOM 95  O OG   . SER A 1 7  ? -3.271  -9.893  -3.026  1.00 0.00 ? 7  SER A OG   1 
ATOM 96  H H    . SER A 1 7  ? -1.003  -10.982 -2.872  1.00 0.00 ? 7  SER A H    1 
ATOM 97  H HA   . SER A 1 7  ? -0.479  -8.422  -4.083  1.00 0.00 ? 7  SER A HA   1 
ATOM 98  H HB2  . SER A 1 7  ? -3.016  -8.357  -4.358  1.00 0.00 ? 7  SER A HB2  1 
ATOM 99  H HB3  . SER A 1 7  ? -2.361  -9.920  -4.858  1.00 0.00 ? 7  SER A HB3  1 
ATOM 100 H HG   . SER A 1 7  ? -2.762  -9.946  -2.213  1.00 0.00 ? 7  SER A HG   1 
ATOM 101 N N    . PRO A 1 8  ? -1.032  -6.712  -2.223  1.00 0.00 ? 8  PRO A N    1 
ATOM 102 C CA   . PRO A 1 8  ? -1.254  -5.761  -1.099  1.00 0.00 ? 8  PRO A CA   1 
ATOM 103 C C    . PRO A 1 8  ? -2.770  -5.630  -0.839  1.00 0.00 ? 8  PRO A C    1 
ATOM 104 O O    . PRO A 1 8  ? -3.542  -5.715  -1.775  1.00 0.00 ? 8  PRO A O    1 
ATOM 105 C CB   . PRO A 1 8  ? -0.585  -4.471  -1.580  1.00 0.00 ? 8  PRO A CB   1 
ATOM 106 C CG   . PRO A 1 8  ? -0.767  -4.560  -3.117  1.00 0.00 ? 8  PRO A CG   1 
ATOM 107 C CD   . PRO A 1 8  ? -0.438  -6.034  -3.409  1.00 0.00 ? 8  PRO A CD   1 
ATOM 108 H HA   . PRO A 1 8  ? -0.759  -6.143  -0.220  1.00 0.00 ? 8  PRO A HA   1 
ATOM 109 H HB2  . PRO A 1 8  ? -1.083  -3.599  -1.186  1.00 0.00 ? 8  PRO A HB2  1 
ATOM 110 H HB3  . PRO A 1 8  ? 0.462   -4.446  -1.316  1.00 0.00 ? 8  PRO A HB3  1 
ATOM 111 H HG2  . PRO A 1 8  ? -1.780  -4.324  -3.410  1.00 0.00 ? 8  PRO A HG2  1 
ATOM 112 H HG3  . PRO A 1 8  ? -0.077  -3.907  -3.631  1.00 0.00 ? 8  PRO A HG3  1 
ATOM 113 H HD2  . PRO A 1 8  ? -0.921  -6.367  -4.315  1.00 0.00 ? 8  PRO A HD2  1 
ATOM 114 H HD3  . PRO A 1 8  ? 0.626   -6.217  -3.445  1.00 0.00 ? 8  PRO A HD3  1 
ATOM 115 N N    . PRO A 1 9  ? -3.164  -5.430  0.398   1.00 0.00 ? 9  PRO A N    1 
ATOM 116 C CA   . PRO A 1 9  ? -4.593  -5.242  0.774   1.00 0.00 ? 9  PRO A CA   1 
ATOM 117 C C    . PRO A 1 9  ? -5.081  -3.867  0.310   1.00 0.00 ? 9  PRO A C    1 
ATOM 118 O O    . PRO A 1 9  ? -4.358  -3.132  -0.336  1.00 0.00 ? 9  PRO A O    1 
ATOM 119 C CB   . PRO A 1 9  ? -4.588  -5.415  2.290   1.00 0.00 ? 9  PRO A CB   1 
ATOM 120 C CG   . PRO A 1 9  ? -3.221  -4.792  2.673   1.00 0.00 ? 9  PRO A CG   1 
ATOM 121 C CD   . PRO A 1 9  ? -2.276  -5.362  1.596   1.00 0.00 ? 9  PRO A CD   1 
ATOM 122 H HA   . PRO A 1 9  ? -5.197  -6.008  0.309   1.00 0.00 ? 9  PRO A HA   1 
ATOM 123 H HB2  . PRO A 1 9  ? -5.403  -4.884  2.759   1.00 0.00 ? 9  PRO A HB2  1 
ATOM 124 H HB3  . PRO A 1 9  ? -4.629  -6.461  2.558   1.00 0.00 ? 9  PRO A HB3  1 
ATOM 125 H HG2  . PRO A 1 9  ? -3.252  -3.713  2.631   1.00 0.00 ? 9  PRO A HG2  1 
ATOM 126 H HG3  . PRO A 1 9  ? -2.914  -5.112  3.658   1.00 0.00 ? 9  PRO A HG3  1 
ATOM 127 H HD2  . PRO A 1 9  ? -1.449  -4.693  1.407   1.00 0.00 ? 9  PRO A HD2  1 
ATOM 128 H HD3  . PRO A 1 9  ? -1.925  -6.353  1.849   1.00 0.00 ? 9  PRO A HD3  1 
ATOM 129 N N    . GLU A 1 10 ? -6.305  -3.566  0.665   1.00 0.00 ? 10 GLU A N    1 
ATOM 130 C CA   . GLU A 1 10 ? -6.889  -2.250  0.272   1.00 0.00 ? 10 GLU A CA   1 
ATOM 131 C C    . GLU A 1 10 ? -6.416  -1.266  1.345   1.00 0.00 ? 10 GLU A C    1 
ATOM 132 O O    . GLU A 1 10 ? -5.894  -1.675  2.367   1.00 0.00 ? 10 GLU A O    1 
ATOM 133 C CB   . GLU A 1 10 ? -8.429  -2.384  0.246   1.00 0.00 ? 10 GLU A CB   1 
ATOM 134 C CG   . GLU A 1 10 ? -9.061  -1.092  -0.328  1.00 0.00 ? 10 GLU A CG   1 
ATOM 135 C CD   . GLU A 1 10 ? -10.581 -1.270  -0.497  1.00 0.00 ? 10 GLU A CD   1 
ATOM 136 O OE1  . GLU A 1 10 ? -11.229 -1.450  0.521   1.00 0.00 ? 10 GLU A OE1  1 
ATOM 137 O OE2  . GLU A 1 10 ? -11.010 -1.216  -1.638  1.00 0.00 ? 10 GLU A OE2  1 
ATOM 138 H H    . GLU A 1 10 ? -6.830  -4.208  1.187   1.00 0.00 ? 10 GLU A H    1 
ATOM 139 H HA   . GLU A 1 10 ? -6.494  -1.946  -0.688  1.00 0.00 ? 10 GLU A HA   1 
ATOM 140 H HB2  . GLU A 1 10 ? -8.711  -3.228  -0.367  1.00 0.00 ? 10 GLU A HB2  1 
ATOM 141 H HB3  . GLU A 1 10 ? -8.796  -2.552  1.248   1.00 0.00 ? 10 GLU A HB3  1 
ATOM 142 H HG2  . GLU A 1 10 ? -8.898  -0.263  0.343   1.00 0.00 ? 10 GLU A HG2  1 
ATOM 143 H HG3  . GLU A 1 10 ? -8.616  -0.857  -1.286  1.00 0.00 ? 10 GLU A HG3  1 
ATOM 144 N N    . ILE A 1 11 ? -6.605  0.005   1.096   1.00 0.00 ? 11 ILE A N    1 
ATOM 145 C CA   . ILE A 1 11 ? -6.155  1.027   2.097   1.00 0.00 ? 11 ILE A CA   1 
ATOM 146 C C    . ILE A 1 11 ? -7.356  1.861   2.582   1.00 0.00 ? 11 ILE A C    1 
ATOM 147 O O    . ILE A 1 11 ? -8.450  1.737   2.063   1.00 0.00 ? 11 ILE A O    1 
ATOM 148 C CB   . ILE A 1 11 ? -5.046  1.902   1.390   1.00 0.00 ? 11 ILE A CB   1 
ATOM 149 C CG1  . ILE A 1 11 ? -5.675  3.040   0.577   1.00 0.00 ? 11 ILE A CG1  1 
ATOM 150 C CG2  . ILE A 1 11 ? -4.199  1.008   0.415   1.00 0.00 ? 11 ILE A CG2  1 
ATOM 151 C CD1  . ILE A 1 11 ? -4.579  3.910   -0.073  1.00 0.00 ? 11 ILE A CD1  1 
ATOM 152 H H    . ILE A 1 11 ? -7.039  0.287   0.263   1.00 0.00 ? 11 ILE A H    1 
ATOM 153 H HA   . ILE A 1 11 ? -5.696  0.551   2.949   1.00 0.00 ? 11 ILE A HA   1 
ATOM 154 H HB   . ILE A 1 11 ? -4.368  2.324   2.118   1.00 0.00 ? 11 ILE A HB   1 
ATOM 155 H HG12 . ILE A 1 11 ? -6.355  2.631   -0.154  1.00 0.00 ? 11 ILE A HG12 1 
ATOM 156 H HG13 . ILE A 1 11 ? -6.223  3.665   1.262   1.00 0.00 ? 11 ILE A HG13 1 
ATOM 157 H HG21 . ILE A 1 11 ? -4.444  -0.040  0.454   1.00 0.00 ? 11 ILE A HG21 1 
ATOM 158 H HG22 . ILE A 1 11 ? -4.264  1.338   -0.611  1.00 0.00 ? 11 ILE A HG22 1 
ATOM 159 H HG23 . ILE A 1 11 ? -3.180  1.084   0.724   1.00 0.00 ? 11 ILE A HG23 1 
ATOM 160 H HD11 . ILE A 1 11 ? -3.599  3.512   0.133   1.00 0.00 ? 11 ILE A HD11 1 
ATOM 161 H HD12 . ILE A 1 11 ? -4.720  3.935   -1.142  1.00 0.00 ? 11 ILE A HD12 1 
ATOM 162 H HD13 . ILE A 1 11 ? -4.625  4.917   0.315   1.00 0.00 ? 11 ILE A HD13 1 
ATOM 163 N N    . SER A 1 12 ? -7.107  2.696   3.561   1.00 0.00 ? 12 SER A N    1 
ATOM 164 C CA   . SER A 1 12 ? -8.193  3.562   4.125   1.00 0.00 ? 12 SER A CA   1 
ATOM 165 C C    . SER A 1 12 ? -8.738  4.492   3.039   1.00 0.00 ? 12 SER A C    1 
ATOM 166 O O    . SER A 1 12 ? -7.992  5.282   2.494   1.00 0.00 ? 12 SER A O    1 
ATOM 167 C CB   . SER A 1 12 ? -7.623  4.393   5.285   1.00 0.00 ? 12 SER A CB   1 
ATOM 168 O OG   . SER A 1 12 ? -7.162  3.439   6.233   1.00 0.00 ? 12 SER A OG   1 
ATOM 169 H H    . SER A 1 12 ? -6.201  2.756   3.927   1.00 0.00 ? 12 SER A H    1 
ATOM 170 H HA   . SER A 1 12 ? -8.990  2.924   4.484   1.00 0.00 ? 12 SER A HA   1 
ATOM 171 H HB2  . SER A 1 12 ? -6.794  5.007   4.963   1.00 0.00 ? 12 SER A HB2  1 
ATOM 172 H HB3  . SER A 1 12 ? -8.386  5.009   5.738   1.00 0.00 ? 12 SER A HB3  1 
ATOM 173 H HG   . SER A 1 12 ? -7.330  2.556   5.897   1.00 0.00 ? 12 SER A HG   1 
ATOM 174 N N    . HIS A 1 13 ? -10.020 4.358   2.781   1.00 0.00 ? 13 HIS A N    1 
ATOM 175 C CA   . HIS A 1 13 ? -10.747 5.175   1.744   1.00 0.00 ? 13 HIS A CA   1 
ATOM 176 C C    . HIS A 1 13 ? -9.840  5.557   0.558   1.00 0.00 ? 13 HIS A C    1 
ATOM 177 O O    . HIS A 1 13 ? -9.844  6.673   0.070   1.00 0.00 ? 13 HIS A O    1 
ATOM 178 C CB   . HIS A 1 13 ? -11.276 6.437   2.439   1.00 0.00 ? 13 HIS A CB   1 
ATOM 179 C CG   . HIS A 1 13 ? -12.225 6.037   3.569   1.00 0.00 ? 13 HIS A CG   1 
ATOM 180 N ND1  . HIS A 1 13 ? -13.473 5.742   3.426   1.00 0.00 ? 13 HIS A ND1  1 
ATOM 181 C CD2  . HIS A 1 13 ? -11.990 5.898   4.925   1.00 0.00 ? 13 HIS A CD2  1 
ATOM 182 C CE1  . HIS A 1 13 ? -13.983 5.445   4.578   1.00 0.00 ? 13 HIS A CE1  1 
ATOM 183 N NE2  . HIS A 1 13 ? -13.096 5.528   5.539   1.00 0.00 ? 13 HIS A NE2  1 
ATOM 184 H H    . HIS A 1 13 ? -10.531 3.692   3.287   1.00 0.00 ? 13 HIS A H    1 
ATOM 185 H HA   . HIS A 1 13 ? -11.574 4.589   1.365   1.00 0.00 ? 13 HIS A HA   1 
ATOM 186 H HB2  . HIS A 1 13 ? -10.460 7.014   2.851   1.00 0.00 ? 13 HIS A HB2  1 
ATOM 187 H HB3  . HIS A 1 13 ? -11.817 7.048   1.731   1.00 0.00 ? 13 HIS A HB3  1 
ATOM 188 H HD1  . HIS A 1 13 ? -13.961 5.745   2.576   1.00 0.00 ? 13 HIS A HD1  1 
ATOM 189 H HD2  . HIS A 1 13 ? -11.038 6.065   5.408   1.00 0.00 ? 13 HIS A HD2  1 
ATOM 190 H HE1  . HIS A 1 13 ? -15.015 5.161   4.729   1.00 0.00 ? 13 HIS A HE1  1 
ATOM 191 N N    . GLY A 1 14 ? -9.080  4.572   0.146   1.00 0.00 ? 14 GLY A N    1 
ATOM 192 C CA   . GLY A 1 14 ? -8.134  4.747   -0.986  1.00 0.00 ? 14 GLY A CA   1 
ATOM 193 C C    . GLY A 1 14 ? -8.062  3.502   -1.865  1.00 0.00 ? 14 GLY A C    1 
ATOM 194 O O    . GLY A 1 14 ? -8.757  2.524   -1.661  1.00 0.00 ? 14 GLY A O    1 
ATOM 195 H H    . GLY A 1 14 ? -9.133  3.700   0.595   1.00 0.00 ? 14 GLY A H    1 
ATOM 196 H HA2  . GLY A 1 14 ? -8.445  5.580   -1.597  1.00 0.00 ? 14 GLY A HA2  1 
ATOM 197 H HA3  . GLY A 1 14 ? -7.155  4.951   -0.585  1.00 0.00 ? 14 GLY A HA3  1 
ATOM 198 N N    . VAL A 1 15 ? -7.190  3.616   -2.825  1.00 0.00 ? 15 VAL A N    1 
ATOM 199 C CA   . VAL A 1 15 ? -6.936  2.531   -3.811  1.00 0.00 ? 15 VAL A CA   1 
ATOM 200 C C    . VAL A 1 15 ? -5.448  2.545   -4.158  1.00 0.00 ? 15 VAL A C    1 
ATOM 201 O O    . VAL A 1 15 ? -4.659  3.314   -3.639  1.00 0.00 ? 15 VAL A O    1 
ATOM 202 C CB   . VAL A 1 15 ? -7.820  2.802   -5.063  1.00 0.00 ? 15 VAL A CB   1 
ATOM 203 C CG1  . VAL A 1 15 ? -7.313  4.114   -5.773  1.00 0.00 ? 15 VAL A CG1  1 
ATOM 204 C CG2  . VAL A 1 15 ? -7.853  1.595   -6.063  1.00 0.00 ? 15 VAL A CG2  1 
ATOM 205 H H    . VAL A 1 15 ? -6.682  4.449   -2.879  1.00 0.00 ? 15 VAL A H    1 
ATOM 206 H HA   . VAL A 1 15 ? -7.186  1.575   -3.377  1.00 0.00 ? 15 VAL A HA   1 
ATOM 207 H HB   . VAL A 1 15 ? -8.827  2.934   -4.721  1.00 0.00 ? 15 VAL A HB   1 
ATOM 208 H HG11 . VAL A 1 15 ? -6.481  4.552   -5.238  1.00 0.00 ? 15 VAL A HG11 1 
ATOM 209 H HG12 . VAL A 1 15 ? -6.983  3.928   -6.785  1.00 0.00 ? 15 VAL A HG12 1 
ATOM 210 H HG13 . VAL A 1 15 ? -8.106  4.842   -5.792  1.00 0.00 ? 15 VAL A HG13 1 
ATOM 211 H HG21 . VAL A 1 15 ? -7.443  0.694   -5.630  1.00 0.00 ? 15 VAL A HG21 1 
ATOM 212 H HG22 . VAL A 1 15 ? -8.883  1.370   -6.292  1.00 0.00 ? 15 VAL A HG22 1 
ATOM 213 H HG23 . VAL A 1 15 ? -7.338  1.814   -6.988  1.00 0.00 ? 15 VAL A HG23 1 
ATOM 214 N N    . VAL A 1 16 ? -5.138  1.660   -5.058  1.00 0.00 ? 16 VAL A N    1 
ATOM 215 C CA   . VAL A 1 16 ? -3.760  1.499   -5.555  1.00 0.00 ? 16 VAL A CA   1 
ATOM 216 C C    . VAL A 1 16 ? -3.848  1.863   -7.042  1.00 0.00 ? 16 VAL A C    1 
ATOM 217 O O    . VAL A 1 16 ? -4.838  1.603   -7.705  1.00 0.00 ? 16 VAL A O    1 
ATOM 218 C CB   . VAL A 1 16 ? -3.310  0.031   -5.381  1.00 0.00 ? 16 VAL A CB   1 
ATOM 219 C CG1  . VAL A 1 16 ? -1.814  -0.112  -5.829  1.00 0.00 ? 16 VAL A CG1  1 
ATOM 220 C CG2  . VAL A 1 16 ? -3.468  -0.379  -3.883  1.00 0.00 ? 16 VAL A CG2  1 
ATOM 221 H H    . VAL A 1 16 ? -5.838  1.081   -5.415  1.00 0.00 ? 16 VAL A H    1 
ATOM 222 H HA   . VAL A 1 16 ? -3.104  2.176   -5.036  1.00 0.00 ? 16 VAL A HA   1 
ATOM 223 H HB   . VAL A 1 16 ? -3.921  -0.613  -5.992  1.00 0.00 ? 16 VAL A HB   1 
ATOM 224 H HG11 . VAL A 1 16 ? -1.437  0.810   -6.246  1.00 0.00 ? 16 VAL A HG11 1 
ATOM 225 H HG12 . VAL A 1 16 ? -1.169  -0.390  -5.008  1.00 0.00 ? 16 VAL A HG12 1 
ATOM 226 H HG13 . VAL A 1 16 ? -1.740  -0.875  -6.589  1.00 0.00 ? 16 VAL A HG13 1 
ATOM 227 H HG21 . VAL A 1 16 ? -3.941  0.406   -3.313  1.00 0.00 ? 16 VAL A HG21 1 
ATOM 228 H HG22 . VAL A 1 16 ? -4.093  -1.257  -3.818  1.00 0.00 ? 16 VAL A HG22 1 
ATOM 229 H HG23 . VAL A 1 16 ? -2.518  -0.601  -3.418  1.00 0.00 ? 16 VAL A HG23 1 
ATOM 230 N N    . ALA A 1 17 ? -2.778  2.450   -7.502  1.00 0.00 ? 17 ALA A N    1 
ATOM 231 C CA   . ALA A 1 17 ? -2.664  2.886   -8.937  1.00 0.00 ? 17 ALA A CA   1 
ATOM 232 C C    . ALA A 1 17 ? -1.786  1.902   -9.716  1.00 0.00 ? 17 ALA A C    1 
ATOM 233 O O    . ALA A 1 17 ? -1.958  1.718   -10.906 1.00 0.00 ? 17 ALA A O    1 
ATOM 234 C CB   . ALA A 1 17 ? -2.044  4.296   -8.965  1.00 0.00 ? 17 ALA A CB   1 
ATOM 235 H H    . ALA A 1 17 ? -2.045  2.609   -6.877  1.00 0.00 ? 17 ALA A H    1 
ATOM 236 H HA   . ALA A 1 17 ? -3.643  2.902   -9.394  1.00 0.00 ? 17 ALA A HA   1 
ATOM 237 H HB1  . ALA A 1 17 ? -1.811  4.625   -7.963  1.00 0.00 ? 17 ALA A HB1  1 
ATOM 238 H HB2  . ALA A 1 17 ? -1.134  4.312   -9.551  1.00 0.00 ? 17 ALA A HB2  1 
ATOM 239 H HB3  . ALA A 1 17 ? -2.748  4.987   -9.401  1.00 0.00 ? 17 ALA A HB3  1 
ATOM 240 N N    . HIS A 1 18 ? -0.868  1.308   -9.001  1.00 0.00 ? 18 HIS A N    1 
ATOM 241 C CA   . HIS A 1 18 ? 0.072   0.313   -9.596  1.00 0.00 ? 18 HIS A CA   1 
ATOM 242 C C    . HIS A 1 18 ? -0.296  -1.063  -9.040  1.00 0.00 ? 18 HIS A C    1 
ATOM 243 O O    . HIS A 1 18 ? 0.272   -1.556  -8.085  1.00 0.00 ? 18 HIS A O    1 
ATOM 244 C CB   . HIS A 1 18 ? 1.518   0.716   -9.224  1.00 0.00 ? 18 HIS A CB   1 
ATOM 245 C CG   . HIS A 1 18 ? 2.039   1.655   -10.318 1.00 0.00 ? 18 HIS A CG   1 
ATOM 246 N ND1  . HIS A 1 18 ? 2.357   1.269   -11.510 1.00 0.00 ? 18 HIS A ND1  1 
ATOM 247 C CD2  . HIS A 1 18 ? 2.276   3.020   -10.329 1.00 0.00 ? 18 HIS A CD2  1 
ATOM 248 C CE1  . HIS A 1 18 ? 2.757   2.282   -12.207 1.00 0.00 ? 18 HIS A CE1  1 
ATOM 249 N NE2  . HIS A 1 18 ? 2.723   3.393   -11.513 1.00 0.00 ? 18 HIS A NE2  1 
ATOM 250 H H    . HIS A 1 18 ? -0.804  1.528   -8.049  1.00 0.00 ? 18 HIS A H    1 
ATOM 251 H HA   . HIS A 1 18 ? -0.045  0.291   -10.671 1.00 0.00 ? 18 HIS A HA   1 
ATOM 252 H HB2  . HIS A 1 18 ? 1.544   1.231   -8.274  1.00 0.00 ? 18 HIS A HB2  1 
ATOM 253 H HB3  . HIS A 1 18 ? 2.162   -0.150  -9.178  1.00 0.00 ? 18 HIS A HB3  1 
ATOM 254 H HD1  . HIS A 1 18 ? 2.304   0.346   -11.835 1.00 0.00 ? 18 HIS A HD1  1 
ATOM 255 H HD2  . HIS A 1 18 ? 2.116   3.683   -9.495  1.00 0.00 ? 18 HIS A HD2  1 
ATOM 256 H HE1  . HIS A 1 18 ? 3.079   2.219   -13.237 1.00 0.00 ? 18 HIS A HE1  1 
ATOM 257 N N    . MET A 1 19 ? -1.275  -1.623  -9.706  1.00 0.00 ? 19 MET A N    1 
ATOM 258 C CA   . MET A 1 19 ? -1.823  -2.969  -9.362  1.00 0.00 ? 19 MET A CA   1 
ATOM 259 C C    . MET A 1 19 ? -1.061  -3.969  -10.248 1.00 0.00 ? 19 MET A C    1 
ATOM 260 O O    . MET A 1 19 ? -1.395  -4.178  -11.398 1.00 0.00 ? 19 MET A O    1 
ATOM 261 C CB   . MET A 1 19 ? -3.337  -2.983  -9.685  1.00 0.00 ? 19 MET A CB   1 
ATOM 262 C CG   . MET A 1 19 ? -3.978  -4.333  -9.290  1.00 0.00 ? 19 MET A CG   1 
ATOM 263 S SD   . MET A 1 19 ? -4.372  -4.611  -7.543  1.00 0.00 ? 19 MET A SD   1 
ATOM 264 C CE   . MET A 1 19 ? -6.149  -4.250  -7.582  1.00 0.00 ? 19 MET A CE   1 
ATOM 265 H H    . MET A 1 19 ? -1.666  -1.137  -10.462 1.00 0.00 ? 19 MET A H    1 
ATOM 266 H HA   . MET A 1 19 ? -1.644  -3.184  -8.318  1.00 0.00 ? 19 MET A HA   1 
ATOM 267 H HB2  . MET A 1 19 ? -3.824  -2.188  -9.141  1.00 0.00 ? 19 MET A HB2  1 
ATOM 268 H HB3  . MET A 1 19 ? -3.486  -2.811  -10.741 1.00 0.00 ? 19 MET A HB3  1 
ATOM 269 H HG2  . MET A 1 19 ? -4.879  -4.457  -9.871  1.00 0.00 ? 19 MET A HG2  1 
ATOM 270 H HG3  . MET A 1 19 ? -3.310  -5.128  -9.585  1.00 0.00 ? 19 MET A HG3  1 
ATOM 271 H HE1  . MET A 1 19 ? -6.450  -3.971  -8.580  1.00 0.00 ? 19 MET A HE1  1 
ATOM 272 H HE2  . MET A 1 19 ? -6.705  -5.130  -7.295  1.00 0.00 ? 19 MET A HE2  1 
ATOM 273 H HE3  . MET A 1 19 ? -6.371  -3.426  -6.919  1.00 0.00 ? 19 MET A HE3  1 
ATOM 274 N N    . SER A 1 20 ? -0.050  -4.553  -9.658  1.00 0.00 ? 20 SER A N    1 
ATOM 275 C CA   . SER A 1 20 ? 0.810   -5.551  -10.363 1.00 0.00 ? 20 SER A CA   1 
ATOM 276 C C    . SER A 1 20 ? 0.362   -6.973  -9.980  1.00 0.00 ? 20 SER A C    1 
ATOM 277 O O    . SER A 1 20 ? -0.580  -7.152  -9.233  1.00 0.00 ? 20 SER A O    1 
ATOM 278 C CB   . SER A 1 20 ? 2.274   -5.283  -9.938  1.00 0.00 ? 20 SER A CB   1 
ATOM 279 O OG   . SER A 1 20 ? 3.090   -6.111  -10.757 1.00 0.00 ? 20 SER A OG   1 
ATOM 280 H H    . SER A 1 20 ? 0.146   -4.325  -8.732  1.00 0.00 ? 20 SER A H    1 
ATOM 281 H HA   . SER A 1 20 ? 0.707   -5.427  -11.431 1.00 0.00 ? 20 SER A HA   1 
ATOM 282 H HB2  . SER A 1 20 ? 2.543   -4.249  -10.098 1.00 0.00 ? 20 SER A HB2  1 
ATOM 283 H HB3  . SER A 1 20 ? 2.437   -5.547  -8.904  1.00 0.00 ? 20 SER A HB3  1 
ATOM 284 H HG   . SER A 1 20 ? 2.535   -6.566  -11.392 1.00 0.00 ? 20 SER A HG   1 
ATOM 285 N N    . ASP A 1 21 ? 1.065   -7.937  -10.513 1.00 0.00 ? 21 ASP A N    1 
ATOM 286 C CA   . ASP A 1 21 ? 0.778   -9.376  -10.262 1.00 0.00 ? 21 ASP A CA   1 
ATOM 287 C C    . ASP A 1 21 ? 1.868   -10.036 -9.409  1.00 0.00 ? 21 ASP A C    1 
ATOM 288 O O    . ASP A 1 21 ? 1.584   -10.966 -8.679  1.00 0.00 ? 21 ASP A O    1 
ATOM 289 C CB   . ASP A 1 21 ? 0.673   -10.055 -11.628 1.00 0.00 ? 21 ASP A CB   1 
ATOM 290 C CG   . ASP A 1 21 ? 0.439   -11.570 -11.478 1.00 0.00 ? 21 ASP A CG   1 
ATOM 291 O OD1  . ASP A 1 21 ? -0.620  -11.913 -10.980 1.00 0.00 ? 21 ASP A OD1  1 
ATOM 292 O OD2  . ASP A 1 21 ? 1.338   -12.297 -11.871 1.00 0.00 ? 21 ASP A OD2  1 
ATOM 293 H H    . ASP A 1 21 ? 1.813   -7.720  -11.106 1.00 0.00 ? 21 ASP A H    1 
ATOM 294 H HA   . ASP A 1 21 ? -0.168  -9.470  -9.745  1.00 0.00 ? 21 ASP A HA   1 
ATOM 295 H HB2  . ASP A 1 21 ? -0.145  -9.627  -12.189 1.00 0.00 ? 21 ASP A HB2  1 
ATOM 296 H HB3  . ASP A 1 21 ? 1.592   -9.879  -12.172 1.00 0.00 ? 21 ASP A HB3  1 
ATOM 297 N N    . SER A 1 22 ? 3.074   -9.535  -9.525  1.00 0.00 ? 22 SER A N    1 
ATOM 298 C CA   . SER A 1 22 ? 4.217   -10.107 -8.747  1.00 0.00 ? 22 SER A CA   1 
ATOM 299 C C    . SER A 1 22 ? 4.824   -9.190  -7.671  1.00 0.00 ? 22 SER A C    1 
ATOM 300 O O    . SER A 1 22 ? 5.563   -8.269  -7.967  1.00 0.00 ? 22 SER A O    1 
ATOM 301 C CB   . SER A 1 22 ? 5.304   -10.523 -9.764  1.00 0.00 ? 22 SER A CB   1 
ATOM 302 O OG   . SER A 1 22 ? 6.357   -11.102 -9.000  1.00 0.00 ? 22 SER A OG   1 
ATOM 303 H H    . SER A 1 22 ? 3.230   -8.779  -10.129 1.00 0.00 ? 22 SER A H    1 
ATOM 304 H HA   . SER A 1 22 ? 3.885   -11.011 -8.256  1.00 0.00 ? 22 SER A HA   1 
ATOM 305 H HB2  . SER A 1 22 ? 4.924   -11.260 -10.456 1.00 0.00 ? 22 SER A HB2  1 
ATOM 306 H HB3  . SER A 1 22 ? 5.682   -9.669  -10.306 1.00 0.00 ? 22 SER A HB3  1 
ATOM 307 H HG   . SER A 1 22 ? 6.127   -11.075 -8.068  1.00 0.00 ? 22 SER A HG   1 
ATOM 308 N N    . TYR A 1 23 ? 4.470   -9.493  -6.447  1.00 0.00 ? 23 TYR A N    1 
ATOM 309 C CA   . TYR A 1 23 ? 4.963   -8.732  -5.256  1.00 0.00 ? 23 TYR A CA   1 
ATOM 310 C C    . TYR A 1 23 ? 5.720   -9.780  -4.445  1.00 0.00 ? 23 TYR A C    1 
ATOM 311 O O    . TYR A 1 23 ? 5.143   -10.801 -4.121  1.00 0.00 ? 23 TYR A O    1 
ATOM 312 C CB   . TYR A 1 23 ? 3.812   -8.200  -4.390  1.00 0.00 ? 23 TYR A CB   1 
ATOM 313 C CG   . TYR A 1 23 ? 3.074   -7.071  -5.107  1.00 0.00 ? 23 TYR A CG   1 
ATOM 314 C CD1  . TYR A 1 23 ? 3.538   -5.776  -4.982  1.00 0.00 ? 23 TYR A CD1  1 
ATOM 315 C CD2  . TYR A 1 23 ? 1.949   -7.315  -5.869  1.00 0.00 ? 23 TYR A CD2  1 
ATOM 316 C CE1  . TYR A 1 23 ? 2.894   -4.740  -5.613  1.00 0.00 ? 23 TYR A CE1  1 
ATOM 317 C CE2  . TYR A 1 23 ? 1.304   -6.275  -6.500  1.00 0.00 ? 23 TYR A CE2  1 
ATOM 318 C CZ   . TYR A 1 23 ? 1.772   -4.983  -6.372  1.00 0.00 ? 23 TYR A CZ   1 
ATOM 319 O OH   . TYR A 1 23 ? 1.130   -3.936  -6.997  1.00 0.00 ? 23 TYR A OH   1 
ATOM 320 H H    . TYR A 1 23 ? 3.858   -10.246 -6.305  1.00 0.00 ? 23 TYR A H    1 
ATOM 321 H HA   . TYR A 1 23 ? 5.635   -7.943  -5.558  1.00 0.00 ? 23 TYR A HA   1 
ATOM 322 H HB2  . TYR A 1 23 ? 3.114   -8.999  -4.189  1.00 0.00 ? 23 TYR A HB2  1 
ATOM 323 H HB3  . TYR A 1 23 ? 4.194   -7.829  -3.450  1.00 0.00 ? 23 TYR A HB3  1 
ATOM 324 H HD1  . TYR A 1 23 ? 4.418   -5.573  -4.390  1.00 0.00 ? 23 TYR A HD1  1 
ATOM 325 H HD2  . TYR A 1 23 ? 1.576   -8.323  -5.975  1.00 0.00 ? 23 TYR A HD2  1 
ATOM 326 H HE1  . TYR A 1 23 ? 3.268   -3.732  -5.510  1.00 0.00 ? 23 TYR A HE1  1 
ATOM 327 H HE2  . TYR A 1 23 ? 0.424   -6.472  -7.093  1.00 0.00 ? 23 TYR A HE2  1 
ATOM 328 H HH   . TYR A 1 23 ? 0.334   -4.286  -7.402  1.00 0.00 ? 23 TYR A HH   1 
ATOM 329 N N    . GLN A 1 24 ? 6.968   -9.520  -4.139  1.00 0.00 ? 24 GLN A N    1 
ATOM 330 C CA   . GLN A 1 24 ? 7.755   -10.516 -3.345  1.00 0.00 ? 24 GLN A CA   1 
ATOM 331 C C    . GLN A 1 24 ? 8.323   -9.865  -2.074  1.00 0.00 ? 24 GLN A C    1 
ATOM 332 O O    . GLN A 1 24 ? 7.698   -9.955  -1.039  1.00 0.00 ? 24 GLN A O    1 
ATOM 333 C CB   . GLN A 1 24 ? 8.892   -11.063 -4.248  1.00 0.00 ? 24 GLN A CB   1 
ATOM 334 C CG   . GLN A 1 24 ? 8.300   -11.697 -5.526  1.00 0.00 ? 24 GLN A CG   1 
ATOM 335 C CD   . GLN A 1 24 ? 9.441   -12.167 -6.439  1.00 0.00 ? 24 GLN A CD   1 
ATOM 336 O OE1  . GLN A 1 24 ? 10.289  -11.395 -6.844  1.00 0.00 ? 24 GLN A OE1  1 
ATOM 337 N NE2  . GLN A 1 24 ? 9.499   -13.422 -6.788  1.00 0.00 ? 24 GLN A NE2  1 
ATOM 338 H H    . GLN A 1 24 ? 7.386   -8.682  -4.426  1.00 0.00 ? 24 GLN A H    1 
ATOM 339 H HA   . GLN A 1 24 ? 7.103   -11.321 -3.039  1.00 0.00 ? 24 GLN A HA   1 
ATOM 340 H HB2  . GLN A 1 24 ? 9.547   -10.257 -4.532  1.00 0.00 ? 24 GLN A HB2  1 
ATOM 341 H HB3  . GLN A 1 24 ? 9.467   -11.803 -3.706  1.00 0.00 ? 24 GLN A HB3  1 
ATOM 342 H HG2  . GLN A 1 24 ? 7.679   -12.543 -5.274  1.00 0.00 ? 24 GLN A HG2  1 
ATOM 343 H HG3  . GLN A 1 24 ? 7.708   -10.974 -6.068  1.00 0.00 ? 24 GLN A HG3  1 
ATOM 344 H HE21 . GLN A 1 24 ? 8.820   -14.052 -6.468  1.00 0.00 ? 24 GLN A HE21 1 
ATOM 345 H HE22 . GLN A 1 24 ? 10.223  -13.733 -7.371  1.00 0.00 ? 24 GLN A HE22 1 
ATOM 346 N N    . TYR A 1 25 ? 9.474   -9.245  -2.178  1.00 0.00 ? 25 TYR A N    1 
ATOM 347 C CA   . TYR A 1 25 ? 10.101  -8.578  -0.995  1.00 0.00 ? 25 TYR A CA   1 
ATOM 348 C C    . TYR A 1 25 ? 11.034  -7.468  -1.491  1.00 0.00 ? 25 TYR A C    1 
ATOM 349 O O    . TYR A 1 25 ? 11.872  -7.707  -2.340  1.00 0.00 ? 25 TYR A O    1 
ATOM 350 C CB   . TYR A 1 25 ? 10.893  -9.626  -0.180  1.00 0.00 ? 25 TYR A CB   1 
ATOM 351 C CG   . TYR A 1 25 ? 11.420  -8.989  1.122   1.00 0.00 ? 25 TYR A CG   1 
ATOM 352 C CD1  . TYR A 1 25 ? 12.536  -8.170  1.121   1.00 0.00 ? 25 TYR A CD1  1 
ATOM 353 C CD2  . TYR A 1 25 ? 10.771  -9.227  2.320   1.00 0.00 ? 25 TYR A CD2  1 
ATOM 354 C CE1  . TYR A 1 25 ? 12.991  -7.603  2.293   1.00 0.00 ? 25 TYR A CE1  1 
ATOM 355 C CE2  . TYR A 1 25 ? 11.226  -8.660  3.490   1.00 0.00 ? 25 TYR A CE2  1 
ATOM 356 C CZ   . TYR A 1 25 ? 12.340  -7.844  3.485   1.00 0.00 ? 25 TYR A CZ   1 
ATOM 357 O OH   . TYR A 1 25 ? 12.793  -7.276  4.660   1.00 0.00 ? 25 TYR A OH   1 
ATOM 358 H H    . TYR A 1 25 ? 9.934   -9.214  -3.042  1.00 0.00 ? 25 TYR A H    1 
ATOM 359 H HA   . TYR A 1 25 ? 9.326   -8.137  -0.384  1.00 0.00 ? 25 TYR A HA   1 
ATOM 360 H HB2  . TYR A 1 25 ? 10.257  -10.463 0.068   1.00 0.00 ? 25 TYR A HB2  1 
ATOM 361 H HB3  . TYR A 1 25 ? 11.733  -9.988  -0.755  1.00 0.00 ? 25 TYR A HB3  1 
ATOM 362 H HD1  . TYR A 1 25 ? 13.060  -7.970  0.199   1.00 0.00 ? 25 TYR A HD1  1 
ATOM 363 H HD2  . TYR A 1 25 ? 9.898   -9.863  2.340   1.00 0.00 ? 25 TYR A HD2  1 
ATOM 364 H HE1  . TYR A 1 25 ? 13.863  -6.967  2.276   1.00 0.00 ? 25 TYR A HE1  1 
ATOM 365 H HE2  . TYR A 1 25 ? 10.708  -8.856  4.418   1.00 0.00 ? 25 TYR A HE2  1 
ATOM 366 H HH   . TYR A 1 25 ? 13.572  -6.754  4.461   1.00 0.00 ? 25 TYR A HH   1 
ATOM 367 N N    . GLY A 1 26 ? 10.857  -6.292  -0.948  1.00 0.00 ? 26 GLY A N    1 
ATOM 368 C CA   . GLY A 1 26 ? 11.703  -5.127  -1.347  1.00 0.00 ? 26 GLY A CA   1 
ATOM 369 C C    . GLY A 1 26 ? 10.955  -4.353  -2.429  1.00 0.00 ? 26 GLY A C    1 
ATOM 370 O O    . GLY A 1 26 ? 11.542  -3.901  -3.394  1.00 0.00 ? 26 GLY A O    1 
ATOM 371 H H    . GLY A 1 26 ? 10.160  -6.170  -0.269  1.00 0.00 ? 26 GLY A H    1 
ATOM 372 H HA2  . GLY A 1 26 ? 11.858  -4.488  -0.491  1.00 0.00 ? 26 GLY A HA2  1 
ATOM 373 H HA3  . GLY A 1 26 ? 12.656  -5.465  -1.730  1.00 0.00 ? 26 GLY A HA3  1 
ATOM 374 N N    . GLU A 1 27 ? 9.671   -4.231  -2.217  1.00 0.00 ? 27 GLU A N    1 
ATOM 375 C CA   . GLU A 1 27 ? 8.781   -3.506  -3.172  1.00 0.00 ? 27 GLU A CA   1 
ATOM 376 C C    . GLU A 1 27 ? 7.987   -2.423  -2.449  1.00 0.00 ? 27 GLU A C    1 
ATOM 377 O O    . GLU A 1 27 ? 7.829   -2.473  -1.243  1.00 0.00 ? 27 GLU A O    1 
ATOM 378 C CB   . GLU A 1 27 ? 7.817   -4.528  -3.814  1.00 0.00 ? 27 GLU A CB   1 
ATOM 379 C CG   . GLU A 1 27 ? 8.585   -5.482  -4.755  1.00 0.00 ? 27 GLU A CG   1 
ATOM 380 C CD   . GLU A 1 27 ? 9.075   -4.697  -5.989  1.00 0.00 ? 27 GLU A CD   1 
ATOM 381 O OE1  . GLU A 1 27 ? 8.212   -4.290  -6.752  1.00 0.00 ? 27 GLU A OE1  1 
ATOM 382 O OE2  . GLU A 1 27 ? 10.281  -4.546  -6.099  1.00 0.00 ? 27 GLU A OE2  1 
ATOM 383 H H    . GLU A 1 27 ? 9.279   -4.628  -1.411  1.00 0.00 ? 27 GLU A H    1 
ATOM 384 H HA   . GLU A 1 27 ? 9.381   -3.032  -3.936  1.00 0.00 ? 27 GLU A HA   1 
ATOM 385 H HB2  . GLU A 1 27 ? 7.344   -5.111  -3.037  1.00 0.00 ? 27 GLU A HB2  1 
ATOM 386 H HB3  . GLU A 1 27 ? 7.043   -4.013  -4.365  1.00 0.00 ? 27 GLU A HB3  1 
ATOM 387 H HG2  . GLU A 1 27 ? 9.433   -5.915  -4.244  1.00 0.00 ? 27 GLU A HG2  1 
ATOM 388 H HG3  . GLU A 1 27 ? 7.937   -6.281  -5.085  1.00 0.00 ? 27 GLU A HG3  1 
ATOM 389 N N    . GLU A 1 28 ? 7.521   -1.484  -3.230  1.00 0.00 ? 28 GLU A N    1 
ATOM 390 C CA   . GLU A 1 28 ? 6.712   -0.349  -2.696  1.00 0.00 ? 28 GLU A CA   1 
ATOM 391 C C    . GLU A 1 28 ? 5.428   -0.277  -3.535  1.00 0.00 ? 28 GLU A C    1 
ATOM 392 O O    . GLU A 1 28 ? 5.380   -0.801  -4.632  1.00 0.00 ? 28 GLU A O    1 
ATOM 393 C CB   . GLU A 1 28 ? 7.533   0.960   -2.807  1.00 0.00 ? 28 GLU A CB   1 
ATOM 394 C CG   . GLU A 1 28 ? 7.982   1.237   -4.259  1.00 0.00 ? 28 GLU A CG   1 
ATOM 395 C CD   . GLU A 1 28 ? 8.793   2.548   -4.290  1.00 0.00 ? 28 GLU A CD   1 
ATOM 396 O OE1  . GLU A 1 28 ? 8.185   3.574   -4.023  1.00 0.00 ? 28 GLU A OE1  1 
ATOM 397 O OE2  . GLU A 1 28 ? 9.976   2.450   -4.573  1.00 0.00 ? 28 GLU A OE2  1 
ATOM 398 H H    . GLU A 1 28 ? 7.705   -1.526  -4.192  1.00 0.00 ? 28 GLU A H    1 
ATOM 399 H HA   . GLU A 1 28 ? 6.448   -0.541  -1.669  1.00 0.00 ? 28 GLU A HA   1 
ATOM 400 H HB2  . GLU A 1 28 ? 6.930   1.783   -2.450  1.00 0.00 ? 28 GLU A HB2  1 
ATOM 401 H HB3  . GLU A 1 28 ? 8.405   0.882   -2.175  1.00 0.00 ? 28 GLU A HB3  1 
ATOM 402 H HG2  . GLU A 1 28 ? 8.594   0.426   -4.625  1.00 0.00 ? 28 GLU A HG2  1 
ATOM 403 H HG3  . GLU A 1 28 ? 7.124   1.348   -4.906  1.00 0.00 ? 28 GLU A HG3  1 
ATOM 404 N N    . VAL A 1 29 ? 4.425   0.367   -2.998  1.00 0.00 ? 29 VAL A N    1 
ATOM 405 C CA   . VAL A 1 29 ? 3.118   0.494   -3.728  1.00 0.00 ? 29 VAL A CA   1 
ATOM 406 C C    . VAL A 1 29 ? 2.638   1.944   -3.605  1.00 0.00 ? 29 VAL A C    1 
ATOM 407 O O    . VAL A 1 29 ? 3.192   2.707   -2.837  1.00 0.00 ? 29 VAL A O    1 
ATOM 408 C CB   . VAL A 1 29 ? 2.001   -0.402  -3.102  1.00 0.00 ? 29 VAL A CB   1 
ATOM 409 C CG1  . VAL A 1 29 ? 1.821   -1.639  -4.060  1.00 0.00 ? 29 VAL A CG1  1 
ATOM 410 C CG2  . VAL A 1 29 ? 2.442   -1.006  -1.724  1.00 0.00 ? 29 VAL A CG2  1 
ATOM 411 H H    . VAL A 1 29 ? 4.543   0.762   -2.112  1.00 0.00 ? 29 VAL A H    1 
ATOM 412 H HA   . VAL A 1 29 ? 3.269   0.299   -4.780  1.00 0.00 ? 29 VAL A HA   1 
ATOM 413 H HB   . VAL A 1 29 ? 1.061   0.120   -3.011  1.00 0.00 ? 29 VAL A HB   1 
ATOM 414 H HG11 . VAL A 1 29 ? 2.430   -1.554  -4.948  1.00 0.00 ? 29 VAL A HG11 1 
ATOM 415 H HG12 . VAL A 1 29 ? 2.101   -2.567  -3.583  1.00 0.00 ? 29 VAL A HG12 1 
ATOM 416 H HG13 . VAL A 1 29 ? 0.792   -1.725  -4.367  1.00 0.00 ? 29 VAL A HG13 1 
ATOM 417 H HG21 . VAL A 1 29 ? 3.356   -0.587  -1.342  1.00 0.00 ? 29 VAL A HG21 1 
ATOM 418 H HG22 . VAL A 1 29 ? 1.682   -0.771  -1.000  1.00 0.00 ? 29 VAL A HG22 1 
ATOM 419 H HG23 . VAL A 1 29 ? 2.545   -2.075  -1.745  1.00 0.00 ? 29 VAL A HG23 1 
ATOM 420 N N    . THR A 1 30 ? 1.608   2.261   -4.353  1.00 0.00 ? 30 THR A N    1 
ATOM 421 C CA   . THR A 1 30 ? 1.024   3.627   -4.352  1.00 0.00 ? 30 THR A CA   1 
ATOM 422 C C    . THR A 1 30 ? -0.361  3.671   -3.686  1.00 0.00 ? 30 THR A C    1 
ATOM 423 O O    . THR A 1 30 ? -1.385  3.552   -4.325  1.00 0.00 ? 30 THR A O    1 
ATOM 424 C CB   . THR A 1 30 ? 0.949   4.086   -5.814  1.00 0.00 ? 30 THR A CB   1 
ATOM 425 O OG1  . THR A 1 30 ? 0.229   3.075   -6.518  1.00 0.00 ? 30 THR A OG1  1 
ATOM 426 C CG2  . THR A 1 30 ? 2.353   4.123   -6.478  1.00 0.00 ? 30 THR A CG2  1 
ATOM 427 H H    . THR A 1 30 ? 1.197   1.598   -4.940  1.00 0.00 ? 30 THR A H    1 
ATOM 428 H HA   . THR A 1 30 ? 1.673   4.289   -3.794  1.00 0.00 ? 30 THR A HA   1 
ATOM 429 H HB   . THR A 1 30 ? 0.427   5.023   -5.883  1.00 0.00 ? 30 THR A HB   1 
ATOM 430 H HG1  . THR A 1 30 ? -0.073  2.404   -5.901  1.00 0.00 ? 30 THR A HG1  1 
ATOM 431 H HG21 . THR A 1 30 ? 3.124   3.775   -5.805  1.00 0.00 ? 30 THR A HG21 1 
ATOM 432 H HG22 . THR A 1 30 ? 2.372   3.507   -7.363  1.00 0.00 ? 30 THR A HG22 1 
ATOM 433 H HG23 . THR A 1 30 ? 2.581   5.140   -6.763  1.00 0.00 ? 30 THR A HG23 1 
ATOM 434 N N    . TYR A 1 31 ? -0.297  3.850   -2.395  1.00 0.00 ? 31 TYR A N    1 
ATOM 435 C CA   . TYR A 1 31 ? -1.483  3.938   -1.490  1.00 0.00 ? 31 TYR A CA   1 
ATOM 436 C C    . TYR A 1 31 ? -1.996  5.379   -1.625  1.00 0.00 ? 31 TYR A C    1 
ATOM 437 O O    . TYR A 1 31 ? -1.626  6.255   -0.872  1.00 0.00 ? 31 TYR A O    1 
ATOM 438 C CB   . TYR A 1 31 ? -0.966  3.600   -0.066  1.00 0.00 ? 31 TYR A CB   1 
ATOM 439 C CG   . TYR A 1 31 ? -0.932  2.083   0.203   1.00 0.00 ? 31 TYR A CG   1 
ATOM 440 C CD1  . TYR A 1 31 ? -0.784  1.156   -0.822  1.00 0.00 ? 31 TYR A CD1  1 
ATOM 441 C CD2  . TYR A 1 31 ? -1.030  1.614   1.505   1.00 0.00 ? 31 TYR A CD2  1 
ATOM 442 C CE1  . TYR A 1 31 ? -0.732  -0.192  -0.554  1.00 0.00 ? 31 TYR A CE1  1 
ATOM 443 C CE2  . TYR A 1 31 ? -0.981  0.259   1.771   1.00 0.00 ? 31 TYR A CE2  1 
ATOM 444 C CZ   . TYR A 1 31 ? -0.829  -0.654  0.745   1.00 0.00 ? 31 TYR A CZ   1 
ATOM 445 O OH   . TYR A 1 31 ? -0.771  -2.003  1.020   1.00 0.00 ? 31 TYR A OH   1 
ATOM 446 H H    . TYR A 1 31 ? 0.589   3.926   -1.988  1.00 0.00 ? 31 TYR A H    1 
ATOM 447 H HA   . TYR A 1 31 ? -2.247  3.252   -1.838  1.00 0.00 ? 31 TYR A HA   1 
ATOM 448 H HB2  . TYR A 1 31 ? 0.059   3.928   -0.005  1.00 0.00 ? 31 TYR A HB2  1 
ATOM 449 H HB3  . TYR A 1 31 ? -1.516  4.117   0.705   1.00 0.00 ? 31 TYR A HB3  1 
ATOM 450 H HD1  . TYR A 1 31 ? -0.707  1.482   -1.847  1.00 0.00 ? 31 TYR A HD1  1 
ATOM 451 H HD2  . TYR A 1 31 ? -1.152  2.310   2.318   1.00 0.00 ? 31 TYR A HD2  1 
ATOM 452 H HE1  . TYR A 1 31 ? -0.615  -0.887  -1.373  1.00 0.00 ? 31 TYR A HE1  1 
ATOM 453 H HE2  . TYR A 1 31 ? -1.055  -0.089  2.791   1.00 0.00 ? 31 TYR A HE2  1 
ATOM 454 H HH   . TYR A 1 31 ? -0.675  -2.479  0.193   1.00 0.00 ? 31 TYR A HH   1 
ATOM 455 N N    . LYS A 1 32 ? -2.859  5.567   -2.591  1.00 0.00 ? 32 LYS A N    1 
ATOM 456 C CA   . LYS A 1 32 ? -3.450  6.914   -2.877  1.00 0.00 ? 32 LYS A CA   1 
ATOM 457 C C    . LYS A 1 32 ? -4.879  6.956   -2.311  1.00 0.00 ? 32 LYS A C    1 
ATOM 458 O O    . LYS A 1 32 ? -5.529  5.934   -2.250  1.00 0.00 ? 32 LYS A O    1 
ATOM 459 C CB   . LYS A 1 32 ? -3.422  7.066   -4.410  1.00 0.00 ? 32 LYS A CB   1 
ATOM 460 C CG   . LYS A 1 32 ? -3.693  8.503   -4.904  1.00 0.00 ? 32 LYS A CG   1 
ATOM 461 C CD   . LYS A 1 32 ? -3.826  8.438   -6.454  1.00 0.00 ? 32 LYS A CD   1 
ATOM 462 C CE   . LYS A 1 32 ? -3.853  9.848   -7.084  1.00 0.00 ? 32 LYS A CE   1 
ATOM 463 N NZ   . LYS A 1 32 ? -2.500  10.215  -7.596  1.00 0.00 ? 32 LYS A NZ   1 
ATOM 464 H H    . LYS A 1 32 ? -3.143  4.806   -3.138  1.00 0.00 ? 32 LYS A H    1 
ATOM 465 H HA   . LYS A 1 32 ? -2.853  7.684   -2.409  1.00 0.00 ? 32 LYS A HA   1 
ATOM 466 H HB2  . LYS A 1 32 ? -2.451  6.758   -4.772  1.00 0.00 ? 32 LYS A HB2  1 
ATOM 467 H HB3  . LYS A 1 32 ? -4.159  6.400   -4.834  1.00 0.00 ? 32 LYS A HB3  1 
ATOM 468 H HG2  . LYS A 1 32 ? -4.612  8.875   -4.477  1.00 0.00 ? 32 LYS A HG2  1 
ATOM 469 H HG3  . LYS A 1 32 ? -2.879  9.154   -4.619  1.00 0.00 ? 32 LYS A HG3  1 
ATOM 470 H HD2  . LYS A 1 32 ? -2.995  7.882   -6.866  1.00 0.00 ? 32 LYS A HD2  1 
ATOM 471 H HD3  . LYS A 1 32 ? -4.736  7.919   -6.715  1.00 0.00 ? 32 LYS A HD3  1 
ATOM 472 H HE2  . LYS A 1 32 ? -4.551  9.874   -7.908  1.00 0.00 ? 32 LYS A HE2  1 
ATOM 473 H HE3  . LYS A 1 32 ? -4.151  10.587  -6.354  1.00 0.00 ? 32 LYS A HE3  1 
ATOM 474 H HZ1  . LYS A 1 32 ? -1.834  9.434   -7.425  1.00 0.00 ? 32 LYS A HZ1  1 
ATOM 475 H HZ2  . LYS A 1 32 ? -2.562  10.394  -8.619  1.00 0.00 ? 32 LYS A HZ2  1 
ATOM 476 H HZ3  . LYS A 1 32 ? -2.160  11.072  -7.116  1.00 0.00 ? 32 LYS A HZ3  1 
ATOM 477 N N    . CYS A 1 33 ? -5.338  8.125   -1.936  1.00 0.00 ? 33 CYS A N    1 
ATOM 478 C CA   . CYS A 1 33 ? -6.723  8.252   -1.371  1.00 0.00 ? 33 CYS A CA   1 
ATOM 479 C C    . CYS A 1 33 ? -7.667  8.611   -2.530  1.00 0.00 ? 33 CYS A C    1 
ATOM 480 O O    . CYS A 1 33 ? -7.222  8.849   -3.638  1.00 0.00 ? 33 CYS A O    1 
ATOM 481 C CB   . CYS A 1 33 ? -6.741  9.366   -0.304  1.00 0.00 ? 33 CYS A CB   1 
ATOM 482 S SG   . CYS A 1 33 ? -5.588  9.248   1.088   1.00 0.00 ? 33 CYS A SG   1 
ATOM 483 H H    . CYS A 1 33 ? -4.774  8.921   -2.026  1.00 0.00 ? 33 CYS A H    1 
ATOM 484 H HA   . CYS A 1 33 ? -7.043  7.327   -0.912  1.00 0.00 ? 33 CYS A HA   1 
ATOM 485 H HB2  . CYS A 1 33 ? -6.554  10.313  -0.791  1.00 0.00 ? 33 CYS A HB2  1 
ATOM 486 H HB3  . CYS A 1 33 ? -7.735  9.410   0.115   1.00 0.00 ? 33 CYS A HB3  1 
ATOM 487 N N    . PHE A 1 34 ? -8.943  8.642   -2.241  1.00 0.00 ? 34 PHE A N    1 
ATOM 488 C CA   . PHE A 1 34 ? -9.961  8.972   -3.289  1.00 0.00 ? 34 PHE A CA   1 
ATOM 489 C C    . PHE A 1 34 ? -10.286 10.473  -3.248  1.00 0.00 ? 34 PHE A C    1 
ATOM 490 O O    . PHE A 1 34 ? -9.736  11.215  -2.455  1.00 0.00 ? 34 PHE A O    1 
ATOM 491 C CB   . PHE A 1 34 ? -11.219 8.121   -2.992  1.00 0.00 ? 34 PHE A CB   1 
ATOM 492 C CG   . PHE A 1 34 ? -11.996 7.620   -4.233  1.00 0.00 ? 34 PHE A CG   1 
ATOM 493 C CD1  . PHE A 1 34 ? -11.732 8.007   -5.542  1.00 0.00 ? 34 PHE A CD1  1 
ATOM 494 C CD2  . PHE A 1 34 ? -13.021 6.716   -4.008  1.00 0.00 ? 34 PHE A CD2  1 
ATOM 495 C CE1  . PHE A 1 34 ? -12.482 7.499   -6.587  1.00 0.00 ? 34 PHE A CE1  1 
ATOM 496 C CE2  . PHE A 1 34 ? -13.768 6.211   -5.049  1.00 0.00 ? 34 PHE A CE2  1 
ATOM 497 C CZ   . PHE A 1 34 ? -13.497 6.600   -6.342  1.00 0.00 ? 34 PHE A CZ   1 
ATOM 498 H H    . PHE A 1 34 ? -9.238  8.435   -1.330  1.00 0.00 ? 34 PHE A H    1 
ATOM 499 H HA   . PHE A 1 34 ? -9.555  8.734   -4.261  1.00 0.00 ? 34 PHE A HA   1 
ATOM 500 H HB2  . PHE A 1 34 ? -10.923 7.254   -2.419  1.00 0.00 ? 34 PHE A HB2  1 
ATOM 501 H HB3  . PHE A 1 34 ? -11.902 8.696   -2.384  1.00 0.00 ? 34 PHE A HB3  1 
ATOM 502 H HD1  . PHE A 1 34 ? -10.944 8.710   -5.764  1.00 0.00 ? 34 PHE A HD1  1 
ATOM 503 H HD2  . PHE A 1 34 ? -13.244 6.403   -2.998  1.00 0.00 ? 34 PHE A HD2  1 
ATOM 504 H HE1  . PHE A 1 34 ? -12.270 7.804   -7.601  1.00 0.00 ? 34 PHE A HE1  1 
ATOM 505 H HE2  . PHE A 1 34 ? -14.562 5.509   -4.851  1.00 0.00 ? 34 PHE A HE2  1 
ATOM 506 H HZ   . PHE A 1 34 ? -14.081 6.202   -7.158  1.00 0.00 ? 34 PHE A HZ   1 
ATOM 507 N N    . GLU A 1 35 ? -11.187 10.866  -4.111  1.00 0.00 ? 35 GLU A N    1 
ATOM 508 C CA   . GLU A 1 35 ? -11.601 12.298  -4.190  1.00 0.00 ? 35 GLU A CA   1 
ATOM 509 C C    . GLU A 1 35 ? -12.788 12.481  -3.237  1.00 0.00 ? 35 GLU A C    1 
ATOM 510 O O    . GLU A 1 35 ? -13.839 11.893  -3.409  1.00 0.00 ? 35 GLU A O    1 
ATOM 511 C CB   . GLU A 1 35 ? -11.993 12.603  -5.647  1.00 0.00 ? 35 GLU A CB   1 
ATOM 512 C CG   . GLU A 1 35 ? -12.256 14.117  -5.814  1.00 0.00 ? 35 GLU A CG   1 
ATOM 513 C CD   . GLU A 1 35 ? -12.592 14.423  -7.286  1.00 0.00 ? 35 GLU A CD   1 
ATOM 514 O OE1  . GLU A 1 35 ? -11.711 14.210  -8.106  1.00 0.00 ? 35 GLU A OE1  1 
ATOM 515 O OE2  . GLU A 1 35 ? -13.710 14.853  -7.514  1.00 0.00 ? 35 GLU A OE2  1 
ATOM 516 H H    . GLU A 1 35 ? -11.596 10.210  -4.713  1.00 0.00 ? 35 GLU A H    1 
ATOM 517 H HA   . GLU A 1 35 ? -10.781 12.932  -3.883  1.00 0.00 ? 35 GLU A HA   1 
ATOM 518 H HB2  . GLU A 1 35 ? -11.189 12.298  -6.300  1.00 0.00 ? 35 GLU A HB2  1 
ATOM 519 H HB3  . GLU A 1 35 ? -12.881 12.049  -5.913  1.00 0.00 ? 35 GLU A HB3  1 
ATOM 520 H HG2  . GLU A 1 35 ? -13.080 14.425  -5.186  1.00 0.00 ? 35 GLU A HG2  1 
ATOM 521 H HG3  . GLU A 1 35 ? -11.377 14.681  -5.536  1.00 0.00 ? 35 GLU A HG3  1 
ATOM 522 N N    . GLY A 1 36 ? -12.548 13.310  -2.255  1.00 0.00 ? 36 GLY A N    1 
ATOM 523 C CA   . GLY A 1 36 ? -13.561 13.631  -1.203  1.00 0.00 ? 36 GLY A CA   1 
ATOM 524 C C    . GLY A 1 36 ? -12.931 13.355  0.173   1.00 0.00 ? 36 GLY A C    1 
ATOM 525 O O    . GLY A 1 36 ? -13.531 13.610  1.200   1.00 0.00 ? 36 GLY A O    1 
ATOM 526 H H    . GLY A 1 36 ? -11.668 13.740  -2.205  1.00 0.00 ? 36 GLY A H    1 
ATOM 527 H HA2  . GLY A 1 36 ? -13.829 14.676  -1.271  1.00 0.00 ? 36 GLY A HA2  1 
ATOM 528 H HA3  . GLY A 1 36 ? -14.441 13.016  -1.324  1.00 0.00 ? 36 GLY A HA3  1 
ATOM 529 N N    . PHE A 1 37 ? -11.727 12.835  0.129   1.00 0.00 ? 37 PHE A N    1 
ATOM 530 C CA   . PHE A 1 37 ? -10.935 12.494  1.345   1.00 0.00 ? 37 PHE A CA   1 
ATOM 531 C C    . PHE A 1 37 ? -9.684  13.366  1.318   1.00 0.00 ? 37 PHE A C    1 
ATOM 532 O O    . PHE A 1 37 ? -9.009  13.428  0.307   1.00 0.00 ? 37 PHE A O    1 
ATOM 533 C CB   . PHE A 1 37 ? -10.577 10.989  1.281   1.00 0.00 ? 37 PHE A CB   1 
ATOM 534 C CG   . PHE A 1 37 ? -11.788 10.189  1.777   1.00 0.00 ? 37 PHE A CG   1 
ATOM 535 C CD1  . PHE A 1 37 ? -12.060 10.114  3.132   1.00 0.00 ? 37 PHE A CD1  1 
ATOM 536 C CD2  . PHE A 1 37 ? -12.626 9.546   0.885   1.00 0.00 ? 37 PHE A CD2  1 
ATOM 537 C CE1  . PHE A 1 37 ? -13.152 9.410   3.588   1.00 0.00 ? 37 PHE A CE1  1 
ATOM 538 C CE2  . PHE A 1 37 ? -13.720 8.841   1.341   1.00 0.00 ? 37 PHE A CE2  1 
ATOM 539 C CZ   . PHE A 1 37 ? -13.984 8.772   2.693   1.00 0.00 ? 37 PHE A CZ   1 
ATOM 540 H H    . PHE A 1 37 ? -11.316 12.658  -0.742  1.00 0.00 ? 37 PHE A H    1 
ATOM 541 H HA   . PHE A 1 37 ? -11.506 12.723  2.234   1.00 0.00 ? 37 PHE A HA   1 
ATOM 542 H HB2  . PHE A 1 37 ? -10.373 10.711  0.256   1.00 0.00 ? 37 PHE A HB2  1 
ATOM 543 H HB3  . PHE A 1 37 ? -9.710  10.741  1.879   1.00 0.00 ? 37 PHE A HB3  1 
ATOM 544 H HD1  . PHE A 1 37 ? -11.412 10.611  3.840   1.00 0.00 ? 37 PHE A HD1  1 
ATOM 545 H HD2  . PHE A 1 37 ? -12.425 9.596   -0.176  1.00 0.00 ? 37 PHE A HD2  1 
ATOM 546 H HE1  . PHE A 1 37 ? -13.357 9.356   4.649   1.00 0.00 ? 37 PHE A HE1  1 
ATOM 547 H HE2  . PHE A 1 37 ? -14.372 8.342   0.640   1.00 0.00 ? 37 PHE A HE2  1 
ATOM 548 H HZ   . PHE A 1 37 ? -14.841 8.222   3.051   1.00 0.00 ? 37 PHE A HZ   1 
ATOM 549 N N    . GLY A 1 38 ? -9.408  14.012  2.423   1.00 0.00 ? 38 GLY A N    1 
ATOM 550 C CA   . GLY A 1 38 ? -8.202  14.887  2.479   1.00 0.00 ? 38 GLY A CA   1 
ATOM 551 C C    . GLY A 1 38 ? -7.072  13.952  2.877   1.00 0.00 ? 38 GLY A C    1 
ATOM 552 O O    . GLY A 1 38 ? -7.227  13.146  3.778   1.00 0.00 ? 38 GLY A O    1 
ATOM 553 H H    . GLY A 1 38 ? -9.988  13.923  3.210   1.00 0.00 ? 38 GLY A H    1 
ATOM 554 H HA2  . GLY A 1 38 ? -8.007  15.335  1.515   1.00 0.00 ? 38 GLY A HA2  1 
ATOM 555 H HA3  . GLY A 1 38 ? -8.335  15.649  3.233   1.00 0.00 ? 38 GLY A HA3  1 
ATOM 556 N N    . ILE A 1 39 ? -5.962  14.086  2.203   1.00 0.00 ? 39 ILE A N    1 
ATOM 557 C CA   . ILE A 1 39 ? -4.812  13.208  2.519   1.00 0.00 ? 39 ILE A CA   1 
ATOM 558 C C    . ILE A 1 39 ? -3.764  13.915  3.383   1.00 0.00 ? 39 ILE A C    1 
ATOM 559 O O    . ILE A 1 39 ? -3.426  15.071  3.210   1.00 0.00 ? 39 ILE A O    1 
ATOM 560 C CB   . ILE A 1 39 ? -4.256  12.758  1.160   1.00 0.00 ? 39 ILE A CB   1 
ATOM 561 C CG1  . ILE A 1 39 ? -3.239  11.629  1.397   1.00 0.00 ? 39 ILE A CG1  1 
ATOM 562 C CG2  . ILE A 1 39 ? -3.574  13.952  0.421   1.00 0.00 ? 39 ILE A CG2  1 
ATOM 563 C CD1  . ILE A 1 39 ? -2.721  11.069  0.053   1.00 0.00 ? 39 ILE A CD1  1 
ATOM 564 H H    . ILE A 1 39 ? -5.872  14.747  1.491   1.00 0.00 ? 39 ILE A H    1 
ATOM 565 H HA   . ILE A 1 39 ? -5.163  12.330  3.044   1.00 0.00 ? 39 ILE A HA   1 
ATOM 566 H HB   . ILE A 1 39 ? -5.082  12.409  0.558   1.00 0.00 ? 39 ILE A HB   1 
ATOM 567 H HG12 . ILE A 1 39 ? -2.416  12.007  1.982   1.00 0.00 ? 39 ILE A HG12 1 
ATOM 568 H HG13 . ILE A 1 39 ? -3.724  10.842  1.955   1.00 0.00 ? 39 ILE A HG13 1 
ATOM 569 H HG21 . ILE A 1 39 ? -3.645  14.867  0.988   1.00 0.00 ? 39 ILE A HG21 1 
ATOM 570 H HG22 . ILE A 1 39 ? -2.530  13.749  0.239   1.00 0.00 ? 39 ILE A HG22 1 
ATOM 571 H HG23 . ILE A 1 39 ? -4.066  14.121  -0.522  1.00 0.00 ? 39 ILE A HG23 1 
ATOM 572 H HD11 . ILE A 1 39 ? -3.154  11.592  -0.789  1.00 0.00 ? 39 ILE A HD11 1 
ATOM 573 H HD12 . ILE A 1 39 ? -1.648  11.178  0.010   1.00 0.00 ? 39 ILE A HD12 1 
ATOM 574 H HD13 . ILE A 1 39 ? -2.969  10.021  -0.031  1.00 0.00 ? 39 ILE A HD13 1 
ATOM 575 N N    . ASP A 1 40 ? -3.303  13.138  4.314   1.00 0.00 ? 40 ASP A N    1 
ATOM 576 C CA   . ASP A 1 40 ? -2.273  13.558  5.290   1.00 0.00 ? 40 ASP A CA   1 
ATOM 577 C C    . ASP A 1 40 ? -1.266  12.400  5.292   1.00 0.00 ? 40 ASP A C    1 
ATOM 578 O O    . ASP A 1 40 ? -1.658  11.246  5.299   1.00 0.00 ? 40 ASP A O    1 
ATOM 579 C CB   . ASP A 1 40 ? -3.009  13.752  6.617   1.00 0.00 ? 40 ASP A CB   1 
ATOM 580 C CG   . ASP A 1 40 ? -2.036  14.045  7.772   1.00 0.00 ? 40 ASP A CG   1 
ATOM 581 O OD1  . ASP A 1 40 ? -1.329  13.122  8.144   1.00 0.00 ? 40 ASP A OD1  1 
ATOM 582 O OD2  . ASP A 1 40 ? -2.052  15.181  8.218   1.00 0.00 ? 40 ASP A OD2  1 
ATOM 583 H H    . ASP A 1 40 ? -3.657  12.231  4.387   1.00 0.00 ? 40 ASP A H    1 
ATOM 584 H HA   . ASP A 1 40 ? -1.791  14.468  4.958   1.00 0.00 ? 40 ASP A HA   1 
ATOM 585 H HB2  . ASP A 1 40 ? -3.703  14.576  6.516   1.00 0.00 ? 40 ASP A HB2  1 
ATOM 586 H HB3  . ASP A 1 40 ? -3.575  12.860  6.833   1.00 0.00 ? 40 ASP A HB3  1 
ATOM 587 N N    . GLY A 1 41 ? -0.004  12.742  5.281   1.00 0.00 ? 41 GLY A N    1 
ATOM 588 C CA   . GLY A 1 41 ? 1.059   11.697  5.275   1.00 0.00 ? 41 GLY A CA   1 
ATOM 589 C C    . GLY A 1 41 ? 1.514   11.542  3.814   1.00 0.00 ? 41 GLY A C    1 
ATOM 590 O O    . GLY A 1 41 ? 0.986   12.194  2.932   1.00 0.00 ? 41 GLY A O    1 
ATOM 591 H H    . GLY A 1 41 ? 0.257   13.684  5.273   1.00 0.00 ? 41 GLY A H    1 
ATOM 592 H HA2  . GLY A 1 41 ? 1.882   12.035  5.887   1.00 0.00 ? 41 GLY A HA2  1 
ATOM 593 H HA3  . GLY A 1 41 ? 0.678   10.756  5.649   1.00 0.00 ? 41 GLY A HA3  1 
ATOM 594 N N    . PRO A 1 42 ? 2.482   10.690  3.586   1.00 0.00 ? 42 PRO A N    1 
ATOM 595 C CA   . PRO A 1 42 ? 2.752   10.101  2.245   1.00 0.00 ? 42 PRO A CA   1 
ATOM 596 C C    . PRO A 1 42 ? 1.545   9.336   1.661   1.00 0.00 ? 42 PRO A C    1 
ATOM 597 O O    . PRO A 1 42 ? 0.507   9.237   2.288   1.00 0.00 ? 42 PRO A O    1 
ATOM 598 C CB   . PRO A 1 42 ? 3.968   9.215   2.477   1.00 0.00 ? 42 PRO A CB   1 
ATOM 599 C CG   . PRO A 1 42 ? 4.645   9.841   3.719   1.00 0.00 ? 42 PRO A CG   1 
ATOM 600 C CD   . PRO A 1 42 ? 3.459   10.218  4.604   1.00 0.00 ? 42 PRO A CD   1 
ATOM 601 H HA   . PRO A 1 42 ? 3.010   10.903  1.566   1.00 0.00 ? 42 PRO A HA   1 
ATOM 602 H HB2  . PRO A 1 42 ? 3.675   8.191   2.665   1.00 0.00 ? 42 PRO A HB2  1 
ATOM 603 H HB3  . PRO A 1 42 ? 4.638   9.264   1.633   1.00 0.00 ? 42 PRO A HB3  1 
ATOM 604 H HG2  . PRO A 1 42 ? 5.274   9.102   4.198   1.00 0.00 ? 42 PRO A HG2  1 
ATOM 605 H HG3  . PRO A 1 42 ? 5.217   10.717  3.465   1.00 0.00 ? 42 PRO A HG3  1 
ATOM 606 H HD2  . PRO A 1 42 ? 3.091   9.369   5.123   1.00 0.00 ? 42 PRO A HD2  1 
ATOM 607 H HD3  . PRO A 1 42 ? 3.682   11.000  5.312   1.00 0.00 ? 42 PRO A HD3  1 
ATOM 608 N N    . ALA A 1 43 ? 1.738   8.824   0.468   1.00 0.00 ? 43 ALA A N    1 
ATOM 609 C CA   . ALA A 1 43 ? 0.669   8.052   -0.249  1.00 0.00 ? 43 ALA A CA   1 
ATOM 610 C C    . ALA A 1 43 ? 1.226   6.713   -0.789  1.00 0.00 ? 43 ALA A C    1 
ATOM 611 O O    . ALA A 1 43 ? 0.845   6.259   -1.849  1.00 0.00 ? 43 ALA A O    1 
ATOM 612 C CB   . ALA A 1 43 ? 0.153   8.950   -1.398  1.00 0.00 ? 43 ALA A CB   1 
ATOM 613 H H    . ALA A 1 43 ? 2.608   8.950   0.034   1.00 0.00 ? 43 ALA A H    1 
ATOM 614 H HA   . ALA A 1 43 ? -0.139  7.832   0.434   1.00 0.00 ? 43 ALA A HA   1 
ATOM 615 H HB1  . ALA A 1 43 ? 0.684   9.891   -1.392  1.00 0.00 ? 43 ALA A HB1  1 
ATOM 616 H HB2  . ALA A 1 43 ? 0.310   8.492   -2.363  1.00 0.00 ? 43 ALA A HB2  1 
ATOM 617 H HB3  . ALA A 1 43 ? -0.899  9.152   -1.275  1.00 0.00 ? 43 ALA A HB3  1 
ATOM 618 N N    . ILE A 1 44 ? 2.115   6.116   -0.036  1.00 0.00 ? 44 ILE A N    1 
ATOM 619 C CA   . ILE A 1 44 ? 2.750   4.818   -0.437  1.00 0.00 ? 44 ILE A CA   1 
ATOM 620 C C    . ILE A 1 44 ? 2.918   3.879   0.752   1.00 0.00 ? 44 ILE A C    1 
ATOM 621 O O    . ILE A 1 44 ? 2.823   4.278   1.897   1.00 0.00 ? 44 ILE A O    1 
ATOM 622 C CB   . ILE A 1 44 ? 4.166   5.073   -1.078  1.00 0.00 ? 44 ILE A CB   1 
ATOM 623 C CG1  . ILE A 1 44 ? 5.279   5.517   -0.062  1.00 0.00 ? 44 ILE A CG1  1 
ATOM 624 C CG2  . ILE A 1 44 ? 4.071   6.099   -2.238  1.00 0.00 ? 44 ILE A CG2  1 
ATOM 625 C CD1  . ILE A 1 44 ? 4.869   6.713   0.792   1.00 0.00 ? 44 ILE A CD1  1 
ATOM 626 H H    . ILE A 1 44 ? 2.363   6.527   0.815   1.00 0.00 ? 44 ILE A H    1 
ATOM 627 H HA   . ILE A 1 44 ? 2.128   4.328   -1.173  1.00 0.00 ? 44 ILE A HA   1 
ATOM 628 H HB   . ILE A 1 44 ? 4.511   4.145   -1.509  1.00 0.00 ? 44 ILE A HB   1 
ATOM 629 H HG12 . ILE A 1 44 ? 5.522   4.698   0.600   1.00 0.00 ? 44 ILE A HG12 1 
ATOM 630 H HG13 . ILE A 1 44 ? 6.180   5.783   -0.594  1.00 0.00 ? 44 ILE A HG13 1 
ATOM 631 H HG21 . ILE A 1 44 ? 3.067   6.467   -2.356  1.00 0.00 ? 44 ILE A HG21 1 
ATOM 632 H HG22 . ILE A 1 44 ? 4.713   6.947   -2.062  1.00 0.00 ? 44 ILE A HG22 1 
ATOM 633 H HG23 . ILE A 1 44 ? 4.352   5.635   -3.170  1.00 0.00 ? 44 ILE A HG23 1 
ATOM 634 H HD11 . ILE A 1 44 ? 3.939   7.145   0.476   1.00 0.00 ? 44 ILE A HD11 1 
ATOM 635 H HD12 . ILE A 1 44 ? 4.783   6.417   1.825   1.00 0.00 ? 44 ILE A HD12 1 
ATOM 636 H HD13 . ILE A 1 44 ? 5.599   7.496   0.704   1.00 0.00 ? 44 ILE A HD13 1 
ATOM 637 N N    . ALA A 1 45 ? 3.161   2.646   0.402   1.00 0.00 ? 45 ALA A N    1 
ATOM 638 C CA   . ALA A 1 45 ? 3.366   1.563   1.413   1.00 0.00 ? 45 ALA A CA   1 
ATOM 639 C C    . ALA A 1 45 ? 4.566   0.718   0.978   1.00 0.00 ? 45 ALA A C    1 
ATOM 640 O O    . ALA A 1 45 ? 4.989   0.827   -0.156  1.00 0.00 ? 45 ALA A O    1 
ATOM 641 C CB   . ALA A 1 45 ? 2.103   0.719   1.469   1.00 0.00 ? 45 ALA A CB   1 
ATOM 642 H H    . ALA A 1 45 ? 3.211   2.439   -0.553  1.00 0.00 ? 45 ALA A H    1 
ATOM 643 H HA   . ALA A 1 45 ? 3.584   2.004   2.374   1.00 0.00 ? 45 ALA A HA   1 
ATOM 644 H HB1  . ALA A 1 45 ? 1.392   1.131   0.776   1.00 0.00 ? 45 ALA A HB1  1 
ATOM 645 H HB2  . ALA A 1 45 ? 2.294   -0.306  1.193   1.00 0.00 ? 45 ALA A HB2  1 
ATOM 646 H HB3  . ALA A 1 45 ? 1.672   0.745   2.457   1.00 0.00 ? 45 ALA A HB3  1 
ATOM 647 N N    . LYS A 1 46 ? 5.072   -0.093  1.873   1.00 0.00 ? 46 LYS A N    1 
ATOM 648 C CA   . LYS A 1 46 ? 6.252   -0.967  1.538   1.00 0.00 ? 46 LYS A CA   1 
ATOM 649 C C    . LYS A 1 46 ? 5.973   -2.431  1.918   1.00 0.00 ? 46 LYS A C    1 
ATOM 650 O O    . LYS A 1 46 ? 5.109   -2.674  2.728   1.00 0.00 ? 46 LYS A O    1 
ATOM 651 C CB   . LYS A 1 46 ? 7.474   -0.422  2.314   1.00 0.00 ? 46 LYS A CB   1 
ATOM 652 C CG   . LYS A 1 46 ? 8.558   0.071   1.318   1.00 0.00 ? 46 LYS A CG   1 
ATOM 653 C CD   . LYS A 1 46 ? 9.772   0.684   2.065   1.00 0.00 ? 46 LYS A CD   1 
ATOM 654 C CE   . LYS A 1 46 ? 9.385   2.016   2.746   1.00 0.00 ? 46 LYS A CE   1 
ATOM 655 N NZ   . LYS A 1 46 ? 10.590  2.630   3.375   1.00 0.00 ? 46 LYS A NZ   1 
ATOM 656 H H    . LYS A 1 46 ? 4.676   -0.127  2.770   1.00 0.00 ? 46 LYS A H    1 
ATOM 657 H HA   . LYS A 1 46 ? 6.428   -0.930  0.474   1.00 0.00 ? 46 LYS A HA   1 
ATOM 658 H HB2  . LYS A 1 46 ? 7.159   0.401   2.941   1.00 0.00 ? 46 LYS A HB2  1 
ATOM 659 H HB3  . LYS A 1 46 ? 7.876   -1.193  2.952   1.00 0.00 ? 46 LYS A HB3  1 
ATOM 660 H HG2  . LYS A 1 46 ? 8.901   -0.758  0.716   1.00 0.00 ? 46 LYS A HG2  1 
ATOM 661 H HG3  . LYS A 1 46 ? 8.135   0.817   0.658   1.00 0.00 ? 46 LYS A HG3  1 
ATOM 662 H HD2  . LYS A 1 46 ? 10.127  -0.010  2.815   1.00 0.00 ? 46 LYS A HD2  1 
ATOM 663 H HD3  . LYS A 1 46 ? 10.572  0.862   1.362   1.00 0.00 ? 46 LYS A HD3  1 
ATOM 664 H HE2  . LYS A 1 46 ? 8.988   2.706   2.017   1.00 0.00 ? 46 LYS A HE2  1 
ATOM 665 H HE3  . LYS A 1 46 ? 8.647   1.854   3.518   1.00 0.00 ? 46 LYS A HE3  1 
ATOM 666 H HZ1  . LYS A 1 46 ? 11.417  2.021   3.213   1.00 0.00 ? 46 LYS A HZ1  1 
ATOM 667 H HZ2  . LYS A 1 46 ? 10.760  3.564   2.952   1.00 0.00 ? 46 LYS A HZ2  1 
ATOM 668 H HZ3  . LYS A 1 46 ? 10.431  2.736   4.396   1.00 0.00 ? 46 LYS A HZ3  1 
ATOM 669 N N    . CYS A 1 47 ? 6.689   -3.370  1.347   1.00 0.00 ? 47 CYS A N    1 
ATOM 670 C CA   . CYS A 1 47 ? 6.447   -4.816  1.698   1.00 0.00 ? 47 CYS A CA   1 
ATOM 671 C C    . CYS A 1 47 ? 7.372   -5.263  2.831   1.00 0.00 ? 47 CYS A C    1 
ATOM 672 O O    . CYS A 1 47 ? 8.580   -5.172  2.723   1.00 0.00 ? 47 CYS A O    1 
ATOM 673 C CB   . CYS A 1 47 ? 6.713   -5.741  0.483   1.00 0.00 ? 47 CYS A CB   1 
ATOM 674 S SG   . CYS A 1 47 ? 7.033   -7.494  0.833   1.00 0.00 ? 47 CYS A SG   1 
ATOM 675 H H    . CYS A 1 47 ? 7.363   -3.121  0.687   1.00 0.00 ? 47 CYS A H    1 
ATOM 676 H HA   . CYS A 1 47 ? 5.419   -4.943  2.011   1.00 0.00 ? 47 CYS A HA   1 
ATOM 677 H HB2  . CYS A 1 47 ? 5.867   -5.690  -0.184  1.00 0.00 ? 47 CYS A HB2  1 
ATOM 678 H HB3  . CYS A 1 47 ? 7.572   -5.361  -0.052  1.00 0.00 ? 47 CYS A HB3  1 
ATOM 679 N N    . LEU A 1 48 ? 6.743   -5.734  3.880   1.00 0.00 ? 48 LEU A N    1 
ATOM 680 C CA   . LEU A 1 48 ? 7.462   -6.227  5.088   1.00 0.00 ? 48 LEU A CA   1 
ATOM 681 C C    . LEU A 1 48 ? 7.096   -7.700  5.273   1.00 0.00 ? 48 LEU A C    1 
ATOM 682 O O    . LEU A 1 48 ? 6.377   -8.085  6.177   1.00 0.00 ? 48 LEU A O    1 
ATOM 683 C CB   . LEU A 1 48 ? 7.040   -5.432  6.361   1.00 0.00 ? 48 LEU A CB   1 
ATOM 684 C CG   . LEU A 1 48 ? 7.543   -3.960  6.366   1.00 0.00 ? 48 LEU A CG   1 
ATOM 685 C CD1  . LEU A 1 48 ? 7.162   -3.368  7.776   1.00 0.00 ? 48 LEU A CD1  1 
ATOM 686 C CD2  . LEU A 1 48 ? 9.103   -3.870  6.196   1.00 0.00 ? 48 LEU A CD2  1 
ATOM 687 H H    . LEU A 1 48 ? 5.767   -5.778  3.892   1.00 0.00 ? 48 LEU A H    1 
ATOM 688 H HA   . LEU A 1 48 ? 8.524   -6.174  4.920   1.00 0.00 ? 48 LEU A HA   1 
ATOM 689 H HB2  . LEU A 1 48 ? 5.960   -5.391  6.357   1.00 0.00 ? 48 LEU A HB2  1 
ATOM 690 H HB3  . LEU A 1 48 ? 7.353   -5.956  7.251   1.00 0.00 ? 48 LEU A HB3  1 
ATOM 691 H HG   . LEU A 1 48 ? 7.068   -3.404  5.576   1.00 0.00 ? 48 LEU A HG   1 
ATOM 692 H HD11 . LEU A 1 48 ? 6.518   -4.045  8.317   1.00 0.00 ? 48 LEU A HD11 1 
ATOM 693 H HD12 . LEU A 1 48 ? 8.032   -3.190  8.391   1.00 0.00 ? 48 LEU A HD12 1 
ATOM 694 H HD13 . LEU A 1 48 ? 6.635   -2.434  7.681   1.00 0.00 ? 48 LEU A HD13 1 
ATOM 695 H HD21 . LEU A 1 48 ? 9.543   -4.808  5.901   1.00 0.00 ? 48 LEU A HD21 1 
ATOM 696 H HD22 . LEU A 1 48 ? 9.325   -3.144  5.429   1.00 0.00 ? 48 LEU A HD22 1 
ATOM 697 H HD23 . LEU A 1 48 ? 9.597   -3.554  7.102   1.00 0.00 ? 48 LEU A HD23 1 
ATOM 698 N N    . GLY A 1 49 ? 7.611   -8.478  4.360   1.00 0.00 ? 49 GLY A N    1 
ATOM 699 C CA   . GLY A 1 49 ? 7.388   -9.948  4.358   1.00 0.00 ? 49 GLY A CA   1 
ATOM 700 C C    . GLY A 1 49 ? 5.967   -10.415 4.041   1.00 0.00 ? 49 GLY A C    1 
ATOM 701 O O    . GLY A 1 49 ? 5.680   -10.843 2.944   1.00 0.00 ? 49 GLY A O    1 
ATOM 702 H H    . GLY A 1 49 ? 8.161   -8.082  3.652   1.00 0.00 ? 49 GLY A H    1 
ATOM 703 H HA2  . GLY A 1 49 ? 8.057   -10.370 3.632   1.00 0.00 ? 49 GLY A HA2  1 
ATOM 704 H HA3  . GLY A 1 49 ? 7.652   -10.329 5.336   1.00 0.00 ? 49 GLY A HA3  1 
ATOM 705 N N    . GLU A 1 50 ? 5.128   -10.304 5.035   1.00 0.00 ? 50 GLU A N    1 
ATOM 706 C CA   . GLU A 1 50 ? 3.694   -10.715 4.921   1.00 0.00 ? 50 GLU A CA   1 
ATOM 707 C C    . GLU A 1 50 ? 2.762   -9.519  5.068   1.00 0.00 ? 50 GLU A C    1 
ATOM 708 O O    . GLU A 1 50 ? 1.693   -9.511  4.488   1.00 0.00 ? 50 GLU A O    1 
ATOM 709 C CB   . GLU A 1 50 ? 3.407   -11.755 6.013   1.00 0.00 ? 50 GLU A CB   1 
ATOM 710 C CG   . GLU A 1 50 ? 1.954   -12.281 5.901   1.00 0.00 ? 50 GLU A CG   1 
ATOM 711 C CD   . GLU A 1 50 ? 1.735   -13.414 6.921   1.00 0.00 ? 50 GLU A CD   1 
ATOM 712 O OE1  . GLU A 1 50 ? 1.820   -13.112 8.101   1.00 0.00 ? 50 GLU A OE1  1 
ATOM 713 O OE2  . GLU A 1 50 ? 1.496   -14.519 6.463   1.00 0.00 ? 50 GLU A OE2  1 
ATOM 714 H H    . GLU A 1 50 ? 5.459   -9.937  5.878   1.00 0.00 ? 50 GLU A H    1 
ATOM 715 H HA   . GLU A 1 50 ? 3.524   -11.163 3.949   1.00 0.00 ? 50 GLU A HA   1 
ATOM 716 H HB2  . GLU A 1 50 ? 4.098   -12.574 5.904   1.00 0.00 ? 50 GLU A HB2  1 
ATOM 717 H HB3  . GLU A 1 50 ? 3.556   -11.307 6.986   1.00 0.00 ? 50 GLU A HB3  1 
ATOM 718 H HG2  . GLU A 1 50 ? 1.250   -11.490 6.116   1.00 0.00 ? 50 GLU A HG2  1 
ATOM 719 H HG3  . GLU A 1 50 ? 1.767   -12.649 4.901   1.00 0.00 ? 50 GLU A HG3  1 
ATOM 720 N N    . LYS A 1 51 ? 3.184   -8.547  5.832   1.00 0.00 ? 51 LYS A N    1 
ATOM 721 C CA   . LYS A 1 51 ? 2.327   -7.339  6.031   1.00 0.00 ? 51 LYS A CA   1 
ATOM 722 C C    . LYS A 1 51 ? 2.910   -6.200  5.203   1.00 0.00 ? 51 LYS A C    1 
ATOM 723 O O    . LYS A 1 51 ? 3.980   -6.319  4.637   1.00 0.00 ? 51 LYS A O    1 
ATOM 724 C CB   . LYS A 1 51 ? 2.328   -6.905  7.510   1.00 0.00 ? 51 LYS A CB   1 
ATOM 725 C CG   . LYS A 1 51 ? 1.954   -8.072  8.449   1.00 0.00 ? 51 LYS A CG   1 
ATOM 726 C CD   . LYS A 1 51 ? 1.856   -7.547  9.906   1.00 0.00 ? 51 LYS A CD   1 
ATOM 727 C CE   . LYS A 1 51 ? 0.523   -6.795  10.114  1.00 0.00 ? 51 LYS A CE   1 
ATOM 728 N NZ   . LYS A 1 51 ? 0.494   -6.166  11.465  1.00 0.00 ? 51 LYS A NZ   1 
ATOM 729 H H    . LYS A 1 51 ? 4.062   -8.602  6.266   1.00 0.00 ? 51 LYS A H    1 
ATOM 730 H HA   . LYS A 1 51 ? 1.317   -7.538  5.707   1.00 0.00 ? 51 LYS A HA   1 
ATOM 731 H HB2  . LYS A 1 51 ? 3.313   -6.542  7.774   1.00 0.00 ? 51 LYS A HB2  1 
ATOM 732 H HB3  . LYS A 1 51 ? 1.627   -6.091  7.631   1.00 0.00 ? 51 LYS A HB3  1 
ATOM 733 H HG2  . LYS A 1 51 ? 1.010   -8.499  8.146   1.00 0.00 ? 51 LYS A HG2  1 
ATOM 734 H HG3  . LYS A 1 51 ? 2.713   -8.838  8.398   1.00 0.00 ? 51 LYS A HG3  1 
ATOM 735 H HD2  . LYS A 1 51 ? 1.920   -8.375  10.594  1.00 0.00 ? 51 LYS A HD2  1 
ATOM 736 H HD3  . LYS A 1 51 ? 2.677   -6.874  10.109  1.00 0.00 ? 51 LYS A HD3  1 
ATOM 737 H HE2  . LYS A 1 51 ? 0.382   -6.023  9.373   1.00 0.00 ? 51 LYS A HE2  1 
ATOM 738 H HE3  . LYS A 1 51 ? -0.300  -7.494  10.051  1.00 0.00 ? 51 LYS A HE3  1 
ATOM 739 H HZ1  . LYS A 1 51 ? 1.388   -6.359  11.961  1.00 0.00 ? 51 LYS A HZ1  1 
ATOM 740 H HZ2  . LYS A 1 51 ? 0.371   -5.138  11.362  1.00 0.00 ? 51 LYS A HZ2  1 
ATOM 741 H HZ3  . LYS A 1 51 ? -0.299  -6.556  12.013  1.00 0.00 ? 51 LYS A HZ3  1 
ATOM 742 N N    . TRP A 1 52 ? 2.182   -5.116  5.156   1.00 0.00 ? 52 TRP A N    1 
ATOM 743 C CA   . TRP A 1 52 ? 2.662   -3.936  4.384   1.00 0.00 ? 52 TRP A CA   1 
ATOM 744 C C    . TRP A 1 52 ? 2.972   -2.847  5.416   1.00 0.00 ? 52 TRP A C    1 
ATOM 745 O O    . TRP A 1 52 ? 2.476   -2.882  6.526   1.00 0.00 ? 52 TRP A O    1 
ATOM 746 C CB   . TRP A 1 52 ? 1.546   -3.525  3.379   1.00 0.00 ? 52 TRP A CB   1 
ATOM 747 C CG   . TRP A 1 52 ? 1.550   -4.616  2.286   1.00 0.00 ? 52 TRP A CG   1 
ATOM 748 C CD1  . TRP A 1 52 ? 0.863   -5.795  2.320   1.00 0.00 ? 52 TRP A CD1  1 
ATOM 749 C CD2  . TRP A 1 52 ? 2.281   -4.574  1.150   1.00 0.00 ? 52 TRP A CD2  1 
ATOM 750 N NE1  . TRP A 1 52 ? 1.231   -6.383  1.198   1.00 0.00 ? 52 TRP A NE1  1 
ATOM 751 C CE2  . TRP A 1 52 ? 2.078   -5.726  0.423   1.00 0.00 ? 52 TRP A CE2  1 
ATOM 752 C CE3  . TRP A 1 52 ? 3.129   -3.602  0.663   1.00 0.00 ? 52 TRP A CE3  1 
ATOM 753 C CZ2  . TRP A 1 52 ? 2.727   -5.916  -0.781  1.00 0.00 ? 52 TRP A CZ2  1 
ATOM 754 C CZ3  . TRP A 1 52 ? 3.779   -3.787  -0.536  1.00 0.00 ? 52 TRP A CZ3  1 
ATOM 755 C CH2  . TRP A 1 52 ? 3.577   -4.945  -1.261  1.00 0.00 ? 52 TRP A CH2  1 
ATOM 756 H H    . TRP A 1 52 ? 1.323   -5.082  5.629   1.00 0.00 ? 52 TRP A H    1 
ATOM 757 H HA   . TRP A 1 52 ? 3.566   -4.186  3.854   1.00 0.00 ? 52 TRP A HA   1 
ATOM 758 H HB2  . TRP A 1 52 ? 0.576   -3.495  3.853   1.00 0.00 ? 52 TRP A HB2  1 
ATOM 759 H HB3  . TRP A 1 52 ? 1.764   -2.565  2.935   1.00 0.00 ? 52 TRP A HB3  1 
ATOM 760 H HD1  . TRP A 1 52 ? 0.182   -6.162  3.072   1.00 0.00 ? 52 TRP A HD1  1 
ATOM 761 H HE1  . TRP A 1 52 ? 0.887   -7.266  0.943   1.00 0.00 ? 52 TRP A HE1  1 
ATOM 762 H HE3  . TRP A 1 52 ? 3.286   -2.691  1.221   1.00 0.00 ? 52 TRP A HE3  1 
ATOM 763 H HZ2  . TRP A 1 52 ? 2.567   -6.826  -1.343  1.00 0.00 ? 52 TRP A HZ2  1 
ATOM 764 H HZ3  . TRP A 1 52 ? 4.442   -3.021  -0.908  1.00 0.00 ? 52 TRP A HZ3  1 
ATOM 765 H HH2  . TRP A 1 52 ? 4.086   -5.088  -2.202  1.00 0.00 ? 52 TRP A HH2  1 
ATOM 766 N N    . SER A 1 53 ? 3.783   -1.905  5.011   1.00 0.00 ? 53 SER A N    1 
ATOM 767 C CA   . SER A 1 53 ? 4.203   -0.772  5.896   1.00 0.00 ? 53 SER A CA   1 
ATOM 768 C C    . SER A 1 53 ? 3.535   0.541   5.475   1.00 0.00 ? 53 SER A C    1 
ATOM 769 O O    . SER A 1 53 ? 3.038   0.584   4.369   1.00 0.00 ? 53 SER A O    1 
ATOM 770 C CB   . SER A 1 53 ? 5.708   -0.678  5.820   1.00 0.00 ? 53 SER A CB   1 
ATOM 771 O OG   . SER A 1 53 ? 6.075   0.159   6.909   1.00 0.00 ? 53 SER A OG   1 
ATOM 772 H H    . SER A 1 53 ? 4.121   -1.959  4.100   1.00 0.00 ? 53 SER A H    1 
ATOM 773 H HA   . SER A 1 53 ? 3.891   -0.993  6.903   1.00 0.00 ? 53 SER A HA   1 
ATOM 774 H HB2  . SER A 1 53 ? 6.135   -1.656  5.938   1.00 0.00 ? 53 SER A HB2  1 
ATOM 775 H HB3  . SER A 1 53 ? 6.035   -0.243  4.891   1.00 0.00 ? 53 SER A HB3  1 
ATOM 776 H HG   . SER A 1 53 ? 5.286   0.380   7.411   1.00 0.00 ? 53 SER A HG   1 
ATOM 777 N N    . HIS A 1 54 ? 3.603   1.531   6.361   1.00 0.00 ? 54 HIS A N    1 
ATOM 778 C CA   . HIS A 1 54 ? 3.001   2.932   6.204   1.00 0.00 ? 54 HIS A CA   1 
ATOM 779 C C    . HIS A 1 54 ? 1.715   2.742   5.419   1.00 0.00 ? 54 HIS A C    1 
ATOM 780 O O    . HIS A 1 54 ? 1.739   2.595   4.217   1.00 0.00 ? 54 HIS A O    1 
ATOM 781 C CB   . HIS A 1 54 ? 3.821   4.088   5.369   1.00 0.00 ? 54 HIS A CB   1 
ATOM 782 C CG   . HIS A 1 54 ? 2.825   5.338   5.221   1.00 0.00 ? 54 HIS A CG   1 
ATOM 783 N ND1  . HIS A 1 54 ? 2.992   6.597   5.522   1.00 0.00 ? 54 HIS A ND1  1 
ATOM 784 C CD2  . HIS A 1 54 ? 1.509   5.392   4.750   1.00 0.00 ? 54 HIS A CD2  1 
ATOM 785 C CE1  . HIS A 1 54 ? 1.896   7.281   5.263   1.00 0.00 ? 54 HIS A CE1  1 
ATOM 786 N NE2  . HIS A 1 54 ? 0.956   6.550   4.782   1.00 0.00 ? 54 HIS A NE2  1 
ATOM 787 H H    . HIS A 1 54 ? 4.110   1.338   7.185   1.00 0.00 ? 54 HIS A H    1 
ATOM 788 H HA   . HIS A 1 54 ? 2.821   3.311   7.196   1.00 0.00 ? 54 HIS A HA   1 
ATOM 789 H HB2  . HIS A 1 54 ? 4.696   4.433   5.912   1.00 0.00 ? 54 HIS A HB2  1 
ATOM 790 H HB3  . HIS A 1 54 ? 4.119   3.769   4.375   1.00 0.00 ? 54 HIS A HB3  1 
ATOM 791 H HD1  . HIS A 1 54 ? 3.804   7.024   5.877   1.00 0.00 ? 54 HIS A HD1  1 
ATOM 792 H HD2  . HIS A 1 54 ? 0.948   4.565   4.372   1.00 0.00 ? 54 HIS A HD2  1 
ATOM 793 H HE1  . HIS A 1 54 ? 1.692   8.323   5.424   1.00 0.00 ? 54 HIS A HE1  1 
ATOM 794 N N    . PRO A 1 55 ? 0.617   2.763   6.131   1.00 0.00 ? 55 PRO A N    1 
ATOM 795 C CA   . PRO A 1 55 ? -0.705  3.211   5.631   1.00 0.00 ? 55 PRO A CA   1 
ATOM 796 C C    . PRO A 1 55 ? -1.034  4.715   5.823   1.00 0.00 ? 55 PRO A C    1 
ATOM 797 O O    . PRO A 1 55 ? -0.781  5.261   6.877   1.00 0.00 ? 55 PRO A O    1 
ATOM 798 C CB   . PRO A 1 55 ? -1.634  2.322   6.387   1.00 0.00 ? 55 PRO A CB   1 
ATOM 799 C CG   . PRO A 1 55 ? -0.963  2.391   7.817   1.00 0.00 ? 55 PRO A CG   1 
ATOM 800 C CD   . PRO A 1 55 ? 0.550   2.236   7.525   1.00 0.00 ? 55 PRO A CD   1 
ATOM 801 H HA   . PRO A 1 55 ? -0.765  2.942   4.590   1.00 0.00 ? 55 PRO A HA   1 
ATOM 802 H HB2  . PRO A 1 55 ? -2.633  2.751   6.383   1.00 0.00 ? 55 PRO A HB2  1 
ATOM 803 H HB3  . PRO A 1 55 ? -1.632  1.317   5.979   1.00 0.00 ? 55 PRO A HB3  1 
ATOM 804 H HG2  . PRO A 1 55 ? -1.126  3.364   8.278   1.00 0.00 ? 55 PRO A HG2  1 
ATOM 805 H HG3  . PRO A 1 55 ? -1.326  1.611   8.465   1.00 0.00 ? 55 PRO A HG3  1 
ATOM 806 H HD2  . PRO A 1 55 ? 1.151   2.822   8.198   1.00 0.00 ? 55 PRO A HD2  1 
ATOM 807 H HD3  . PRO A 1 55 ? 0.852   1.186   7.561   1.00 0.00 ? 55 PRO A HD3  1 
ATOM 808 N N    . PRO A 1 56 ? -1.611  5.371   4.826   1.00 0.00 ? 56 PRO A N    1 
ATOM 809 C CA   . PRO A 1 56 ? -1.907  6.826   4.860   1.00 0.00 ? 56 PRO A CA   1 
ATOM 810 C C    . PRO A 1 56 ? -3.038  7.203   5.789   1.00 0.00 ? 56 PRO A C    1 
ATOM 811 O O    . PRO A 1 56 ? -3.714  6.357   6.340   1.00 0.00 ? 56 PRO A O    1 
ATOM 812 C CB   . PRO A 1 56 ? -2.255  7.238   3.427   1.00 0.00 ? 56 PRO A CB   1 
ATOM 813 C CG   . PRO A 1 56 ? -2.796  5.934   2.809   1.00 0.00 ? 56 PRO A CG   1 
ATOM 814 C CD   . PRO A 1 56 ? -2.053  4.766   3.553   1.00 0.00 ? 56 PRO A CD   1 
ATOM 815 H HA   . PRO A 1 56 ? -1.045  7.386   5.173   1.00 0.00 ? 56 PRO A HA   1 
ATOM 816 H HB2  . PRO A 1 56 ? -3.070  7.954   3.435   1.00 0.00 ? 56 PRO A HB2  1 
ATOM 817 H HB3  . PRO A 1 56 ? -1.421  7.672   2.890   1.00 0.00 ? 56 PRO A HB3  1 
ATOM 818 H HG2  . PRO A 1 56 ? -3.870  5.859   2.926   1.00 0.00 ? 56 PRO A HG2  1 
ATOM 819 H HG3  . PRO A 1 56 ? -2.548  5.922   1.752   1.00 0.00 ? 56 PRO A HG3  1 
ATOM 820 H HD2  . PRO A 1 56 ? -2.747  3.961   3.741   1.00 0.00 ? 56 PRO A HD2  1 
ATOM 821 H HD3  . PRO A 1 56 ? -1.211  4.419   2.990   1.00 0.00 ? 56 PRO A HD3  1 
ATOM 822 N N    . SER A 1 57 ? -3.180  8.499   5.901   1.00 0.00 ? 57 SER A N    1 
ATOM 823 C CA   . SER A 1 57 ? -4.239  9.083   6.745   1.00 0.00 ? 57 SER A CA   1 
ATOM 824 C C    . SER A 1 57 ? -5.107  9.840   5.752   1.00 0.00 ? 57 SER A C    1 
ATOM 825 O O    . SER A 1 57 ? -4.780  10.942  5.359   1.00 0.00 ? 57 SER A O    1 
ATOM 826 C CB   . SER A 1 57 ? -3.584  10.018  7.773   1.00 0.00 ? 57 SER A CB   1 
ATOM 827 O OG   . SER A 1 57 ? -2.726  9.181   8.540   1.00 0.00 ? 57 SER A OG   1 
ATOM 828 H H    . SER A 1 57 ? -2.580  9.104   5.413   1.00 0.00 ? 57 SER A H    1 
ATOM 829 H HA   . SER A 1 57 ? -4.803  8.298   7.222   1.00 0.00 ? 57 SER A HA   1 
ATOM 830 H HB2  . SER A 1 57 ? -2.997  10.795  7.306   1.00 0.00 ? 57 SER A HB2  1 
ATOM 831 H HB3  . SER A 1 57 ? -4.335  10.449  8.411   1.00 0.00 ? 57 SER A HB3  1 
ATOM 832 H HG   . SER A 1 57 ? -2.769  8.285   8.198   1.00 0.00 ? 57 SER A HG   1 
ATOM 833 N N    . CYS A 1 58 ? -6.184  9.211   5.359   1.00 0.00 ? 58 CYS A N    1 
ATOM 834 C CA   . CYS A 1 58 ? -7.125  9.840   4.384   1.00 0.00 ? 58 CYS A CA   1 
ATOM 835 C C    . CYS A 1 58 ? -8.312  10.355  5.217   1.00 0.00 ? 58 CYS A C    1 
ATOM 836 O O    . CYS A 1 58 ? -9.355  9.736   5.304   1.00 0.00 ? 58 CYS A O    1 
ATOM 837 C CB   . CYS A 1 58 ? -7.596  8.785   3.359   1.00 0.00 ? 58 CYS A CB   1 
ATOM 838 S SG   . CYS A 1 58 ? -6.363  7.895   2.376   1.00 0.00 ? 58 CYS A SG   1 
ATOM 839 H H    . CYS A 1 58 ? -6.370  8.315   5.705   1.00 0.00 ? 58 CYS A H    1 
ATOM 840 H HA   . CYS A 1 58 ? -6.649  10.667  3.881   1.00 0.00 ? 58 CYS A HA   1 
ATOM 841 H HB2  . CYS A 1 58 ? -8.178  8.040   3.882   1.00 0.00 ? 58 CYS A HB2  1 
ATOM 842 H HB3  . CYS A 1 58 ? -8.259  9.279   2.663   1.00 0.00 ? 58 CYS A HB3  1 
ATOM 843 N N    . ILE A 1 59 ? -8.083  11.502  5.807   1.00 0.00 ? 59 ILE A N    1 
ATOM 844 C CA   . ILE A 1 59 ? -9.109  12.167  6.667   1.00 0.00 ? 59 ILE A CA   1 
ATOM 845 C C    . ILE A 1 59 ? -9.794  13.336  5.922   1.00 0.00 ? 59 ILE A C    1 
ATOM 846 O O    . ILE A 1 59 ? -11.011 13.275  5.849   1.00 0.00 ? 59 ILE A O    1 
ATOM 847 C CB   . ILE A 1 59 ? -8.370  12.633  7.975   1.00 0.00 ? 59 ILE A CB   1 
ATOM 848 C CG1  . ILE A 1 59 ? -7.147  13.563  7.653   1.00 0.00 ? 59 ILE A CG1  1 
ATOM 849 C CG2  . ILE A 1 59 ? -9.364  13.359  8.930   1.00 0.00 ? 59 ILE A CG2  1 
ATOM 850 C CD1  . ILE A 1 59 ? -6.356  13.897  8.936   1.00 0.00 ? 59 ILE A CD1  1 
ATOM 851 O OXT  . ILE A 1 59 ? -9.095  14.222  5.461   1.00 0.00 ? 59 ILE A OXT  1 
ATOM 852 H H    . ILE A 1 59 ? -7.214  11.936  5.678   1.00 0.00 ? 59 ILE A H    1 
ATOM 853 H HA   . ILE A 1 59 ? -9.858  11.437  6.947   1.00 0.00 ? 59 ILE A HA   1 
ATOM 854 H HB   . ILE A 1 59 ? -8.001  11.752  8.479   1.00 0.00 ? 59 ILE A HB   1 
ATOM 855 H HG12 . ILE A 1 59 ? -6.484  13.078  6.955   1.00 0.00 ? 59 ILE A HG12 1 
ATOM 856 H HG13 . ILE A 1 59 ? -7.479  14.492  7.217   1.00 0.00 ? 59 ILE A HG13 1 
ATOM 857 H HG21 . ILE A 1 59 ? -10.368 13.363  8.530   1.00 0.00 ? 59 ILE A HG21 1 
ATOM 858 H HG22 . ILE A 1 59 ? -9.385  12.847  9.882   1.00 0.00 ? 59 ILE A HG22 1 
ATOM 859 H HG23 . ILE A 1 59 ? -9.061  14.381  9.103   1.00 0.00 ? 59 ILE A HG23 1 
ATOM 860 H HD11 . ILE A 1 59 ? -6.802  13.443  9.807   1.00 0.00 ? 59 ILE A HD11 1 
ATOM 861 H HD12 . ILE A 1 59 ? -5.339  13.542  8.842   1.00 0.00 ? 59 ILE A HD12 1 
ATOM 862 H HD13 . ILE A 1 59 ? -6.333  14.968  9.077   1.00 0.00 ? 59 ILE A HD13 1 
# 
